data_3RPD
#
_entry.id   3RPD
#
_cell.length_a   46.099
_cell.length_b   89.371
_cell.length_c   86.526
_cell.angle_alpha   90.000
_cell.angle_beta   92.450
_cell.angle_gamma   90.000
#
_symmetry.space_group_name_H-M   'P 1 21 1'
#
loop_
_entity.id
_entity.type
_entity.pdbx_description
1 polymer 'Methionine synthase (B12-independent)'
2 non-polymer 'ZINC ION'
3 non-polymer SELENOMETHIONINE
4 non-polymer GLYCEROL
5 water water
#
_entity_poly.entity_id   1
_entity_poly.type   'polypeptide(L)'
_entity_poly.pdbx_seq_one_letter_code
;SNA(MSE)KTRLNKTSLNQALLPTSTAGSLPKPLWLAEPETLWSPWKLQGEELITGKHDALRLSLQDQQLAGIDIVSDGE
QTRQHFVTTFIEHLNGVDFSKRKIVKIRDRYDASVPTVVGPVSRQKSVFVEDAKFLRKQTTQPIKWALPGP(MSE)T
(MSE)IDTLYDDHYKSREKLAWEFAKILNEEAKELEAAGVDIIQFDEPAFNVFFDEVNDWGIACLERAIEGLKCETAVHI
CYGYGIKANTDWKKTLGSEWRQYEEVFPKLQKSNIDIISLECHNSHVP(MSE)ELLELIRGKKV(MSE)VGAIDVATDTI
ETAEEVADTLRKALKFVDADKLYPCTNCG(MSE)TPLSHQVTRGKLNALSAGAEIVRKELLALR
;
_entity_poly.pdbx_strand_id   A,B
#
# COMPACT_ATOMS: atom_id res chain seq x y z
N LEU A 13 -7.39 20.91 -2.90
CA LEU A 13 -7.29 22.04 -1.93
C LEU A 13 -6.96 21.56 -0.52
N ASN A 14 -5.98 22.21 0.07
CA ASN A 14 -5.50 21.77 1.36
C ASN A 14 -6.32 22.45 2.44
N GLN A 15 -6.25 21.88 3.63
CA GLN A 15 -6.97 22.36 4.81
C GLN A 15 -6.38 23.67 5.28
N ALA A 16 -7.16 24.73 5.17
CA ALA A 16 -6.75 26.07 5.56
C ALA A 16 -6.70 26.32 7.07
N LEU A 17 -7.49 25.59 7.83
CA LEU A 17 -7.67 25.90 9.24
C LEU A 17 -7.45 24.66 10.11
N LEU A 18 -6.57 24.79 11.10
CA LEU A 18 -6.23 23.67 11.98
C LEU A 18 -5.78 22.42 11.18
N PRO A 19 -4.89 22.60 10.17
CA PRO A 19 -4.43 21.39 9.46
C PRO A 19 -3.72 20.43 10.39
N THR A 20 -4.05 19.15 10.32
CA THR A 20 -3.47 18.15 11.19
C THR A 20 -2.15 17.58 10.64
N SER A 21 -1.32 17.05 11.54
CA SER A 21 -0.08 16.39 11.19
C SER A 21 0.30 15.49 12.34
N THR A 22 1.41 14.80 12.20
CA THR A 22 1.96 14.04 13.33
C THR A 22 3.45 14.36 13.47
N ALA A 23 4.06 13.93 14.58
CA ALA A 23 5.46 14.21 14.79
C ALA A 23 6.36 13.59 13.73
N GLY A 24 5.92 12.51 13.10
CA GLY A 24 6.58 11.98 11.90
C GLY A 24 6.48 10.50 11.72
N SER A 25 6.85 9.74 12.76
CA SER A 25 6.98 8.29 12.62
C SER A 25 5.70 7.53 12.91
N LEU A 26 5.51 6.45 12.18
CA LEU A 26 4.34 5.59 12.30
C LEU A 26 4.79 4.14 12.27
N PRO A 27 3.97 3.21 12.79
CA PRO A 27 4.36 1.81 12.82
C PRO A 27 4.66 1.28 11.40
N LYS A 28 5.65 0.38 11.32
CA LYS A 28 6.04 -0.26 10.06
C LYS A 28 5.31 -1.60 9.89
N PRO A 29 5.18 -2.05 8.63
CA PRO A 29 4.52 -3.34 8.43
C PRO A 29 5.29 -4.50 9.08
N LEU A 30 4.57 -5.54 9.50
CA LEU A 30 5.18 -6.68 10.17
C LEU A 30 6.23 -7.39 9.32
N TRP A 31 6.07 -7.38 7.99
CA TRP A 31 6.99 -8.07 7.09
C TRP A 31 8.25 -7.22 6.86
N LEU A 32 8.24 -5.96 7.28
CA LEU A 32 9.39 -5.08 7.08
C LEU A 32 10.28 -4.94 8.31
N ALA A 33 9.67 -4.96 9.48
CA ALA A 33 10.41 -4.70 10.74
C ALA A 33 9.65 -5.26 11.93
N GLU A 34 10.33 -5.42 13.06
CA GLU A 34 9.71 -5.95 14.27
C GLU A 34 8.79 -4.88 14.85
N PRO A 35 7.59 -5.27 15.31
CA PRO A 35 6.63 -4.32 15.80
C PRO A 35 6.99 -3.72 17.15
N GLU A 36 6.46 -2.53 17.40
CA GLU A 36 6.41 -1.97 18.73
C GLU A 36 7.78 -1.89 19.42
N THR A 37 8.79 -1.52 18.62
N THR A 37 8.78 -1.46 18.66
CA THR A 37 10.14 -1.34 19.13
CA THR A 37 10.11 -1.31 19.22
C THR A 37 10.80 -0.14 18.48
C THR A 37 10.95 -0.33 18.42
N LEU A 38 11.83 0.36 19.15
CA LEU A 38 12.76 1.33 18.57
C LEU A 38 13.97 0.57 18.02
N TRP A 39 14.65 1.16 17.04
CA TRP A 39 15.78 0.51 16.35
C TRP A 39 15.47 -0.94 15.87
N SER A 40 14.31 -1.19 15.25
CA SER A 40 14.04 -2.57 14.81
C SER A 40 14.98 -2.98 13.69
N PRO A 41 15.53 -4.21 13.77
CA PRO A 41 16.27 -4.64 12.60
C PRO A 41 15.33 -4.76 11.40
N TRP A 42 15.86 -4.55 10.23
CA TRP A 42 15.09 -4.78 9.01
C TRP A 42 14.89 -6.26 8.80
N LYS A 43 13.68 -6.65 8.41
CA LYS A 43 13.37 -8.03 8.05
C LYS A 43 13.53 -8.38 6.56
N LEU A 44 13.94 -7.41 5.77
CA LEU A 44 14.24 -7.59 4.36
C LEU A 44 15.63 -7.02 4.10
N GLN A 45 16.27 -7.50 3.06
CA GLN A 45 17.56 -6.96 2.64
C GLN A 45 17.60 -6.81 1.14
N GLY A 46 18.62 -6.15 0.63
CA GLY A 46 18.81 -6.08 -0.79
C GLY A 46 17.70 -5.40 -1.57
N GLU A 47 17.37 -5.94 -2.74
CA GLU A 47 16.36 -5.32 -3.57
C GLU A 47 14.98 -5.46 -2.96
N GLU A 48 14.74 -6.52 -2.21
CA GLU A 48 13.48 -6.66 -1.50
C GLU A 48 13.27 -5.54 -0.50
N LEU A 49 14.35 -5.11 0.19
CA LEU A 49 14.23 -4.02 1.15
C LEU A 49 14.02 -2.68 0.45
N ILE A 50 14.67 -2.50 -0.70
CA ILE A 50 14.48 -1.27 -1.47
C ILE A 50 13.01 -1.12 -1.85
N THR A 51 12.44 -2.19 -2.39
CA THR A 51 11.01 -2.21 -2.72
C THR A 51 10.12 -2.11 -1.48
N GLY A 52 10.44 -2.87 -0.45
CA GLY A 52 9.63 -2.88 0.75
C GLY A 52 9.51 -1.52 1.42
N LYS A 53 10.60 -0.79 1.47
CA LYS A 53 10.59 0.54 2.04
C LYS A 53 9.62 1.47 1.29
N HIS A 54 9.63 1.40 -0.04
CA HIS A 54 8.78 2.29 -0.80
C HIS A 54 7.33 1.84 -0.73
N ASP A 55 7.09 0.54 -0.73
CA ASP A 55 5.76 0.05 -0.50
C ASP A 55 5.23 0.44 0.87
N ALA A 56 6.06 0.36 1.91
CA ALA A 56 5.70 0.84 3.23
C ALA A 56 5.34 2.33 3.24
N LEU A 57 6.10 3.15 2.51
CA LEU A 57 5.77 4.56 2.34
C LEU A 57 4.38 4.72 1.75
N ARG A 58 4.06 3.93 0.73
CA ARG A 58 2.75 4.06 0.10
C ARG A 58 1.63 3.66 1.06
N LEU A 59 1.84 2.59 1.80
CA LEU A 59 0.83 2.11 2.74
C LEU A 59 0.63 3.09 3.88
N SER A 60 1.72 3.68 4.37
CA SER A 60 1.65 4.67 5.44
C SER A 60 0.95 5.96 5.00
N LEU A 61 1.25 6.42 3.80
CA LEU A 61 0.55 7.56 3.23
C LEU A 61 -0.95 7.30 3.21
N GLN A 62 -1.34 6.13 2.71
CA GLN A 62 -2.76 5.75 2.65
C GLN A 62 -3.39 5.76 4.04
N ASP A 63 -2.66 5.23 5.02
CA ASP A 63 -3.17 5.21 6.40
C ASP A 63 -3.38 6.63 6.92
N GLN A 64 -2.43 7.52 6.63
CA GLN A 64 -2.55 8.89 7.05
C GLN A 64 -3.74 9.57 6.39
N GLN A 65 -3.91 9.35 5.09
CA GLN A 65 -5.03 9.94 4.37
C GLN A 65 -6.38 9.43 4.90
N LEU A 66 -6.48 8.13 5.15
CA LEU A 66 -7.73 7.56 5.63
C LEU A 66 -8.10 8.14 7.00
N ALA A 67 -7.08 8.43 7.81
CA ALA A 67 -7.28 9.00 9.15
C ALA A 67 -7.52 10.50 9.13
N GLY A 68 -7.39 11.12 7.96
CA GLY A 68 -7.70 12.53 7.80
C GLY A 68 -6.55 13.46 8.15
N ILE A 69 -5.33 12.95 8.10
CA ILE A 69 -4.15 13.79 8.34
C ILE A 69 -3.91 14.67 7.11
N ASP A 70 -3.80 15.99 7.32
CA ASP A 70 -3.69 16.97 6.24
C ASP A 70 -2.27 17.14 5.72
N ILE A 71 -1.30 17.16 6.61
CA ILE A 71 0.10 17.36 6.27
C ILE A 71 0.78 16.05 6.59
N VAL A 72 1.23 15.35 5.55
CA VAL A 72 1.64 13.97 5.67
C VAL A 72 3.14 13.88 5.77
N SER A 73 3.60 12.80 6.38
CA SER A 73 5.02 12.46 6.42
C SER A 73 5.28 11.16 5.71
N ASP A 74 6.57 10.80 5.71
CA ASP A 74 7.05 9.51 5.28
C ASP A 74 6.63 8.37 6.23
N GLY A 75 5.95 8.71 7.34
CA GLY A 75 5.76 7.69 8.40
C GLY A 75 7.09 7.17 8.95
N GLU A 76 8.17 7.85 8.60
CA GLU A 76 9.58 7.39 8.82
C GLU A 76 9.75 5.91 8.48
N GLN A 77 9.08 5.49 7.40
CA GLN A 77 9.02 4.09 7.02
C GLN A 77 10.32 3.62 6.42
N THR A 78 11.17 4.53 5.93
CA THR A 78 12.41 4.12 5.26
C THR A 78 13.66 4.15 6.14
N ARG A 79 13.49 4.53 7.41
CA ARG A 79 14.58 4.63 8.34
C ARG A 79 14.36 3.71 9.53
N GLN A 80 15.45 3.27 10.13
CA GLN A 80 15.39 2.48 11.33
C GLN A 80 15.12 3.33 12.56
N HIS A 81 15.72 4.52 12.60
CA HIS A 81 15.64 5.39 13.76
C HIS A 81 15.74 6.85 13.33
N PHE A 82 15.06 7.73 14.06
CA PHE A 82 14.96 9.14 13.64
C PHE A 82 16.25 9.92 13.73
N VAL A 83 17.23 9.37 14.44
CA VAL A 83 18.54 10.03 14.58
C VAL A 83 19.62 9.19 13.92
N THR A 84 19.75 7.94 14.33
CA THR A 84 20.93 7.18 13.95
C THR A 84 21.00 6.80 12.45
N THR A 85 19.86 6.63 11.77
CA THR A 85 19.90 6.27 10.35
C THR A 85 20.60 7.35 9.56
N PHE A 86 20.23 8.60 9.81
CA PHE A 86 20.88 9.70 9.09
C PHE A 86 22.37 9.73 9.39
N ILE A 87 22.73 9.59 10.68
CA ILE A 87 24.14 9.57 11.05
C ILE A 87 24.89 8.46 10.31
N GLU A 88 24.28 7.29 10.17
CA GLU A 88 24.96 6.14 9.58
C GLU A 88 25.26 6.23 8.12
N HIS A 89 24.60 7.16 7.43
CA HIS A 89 24.87 7.39 6.02
C HIS A 89 26.03 8.34 5.76
N LEU A 90 26.58 8.91 6.82
CA LEU A 90 27.66 9.89 6.67
C LEU A 90 29.03 9.21 6.66
N ASN A 91 29.96 9.82 5.91
CA ASN A 91 31.36 9.43 6.00
C ASN A 91 31.87 9.81 7.39
N GLY A 92 32.81 9.03 7.92
CA GLY A 92 33.36 9.25 9.24
C GLY A 92 32.61 8.53 10.33
N VAL A 93 31.55 7.80 9.97
CA VAL A 93 30.75 7.09 10.94
C VAL A 93 30.90 5.59 10.73
N ASP A 94 31.15 4.87 11.80
CA ASP A 94 31.27 3.42 11.72
C ASP A 94 29.97 2.86 12.25
N PHE A 95 29.15 2.41 11.30
CA PHE A 95 27.81 1.88 11.52
C PHE A 95 27.78 0.75 12.55
N SER A 96 28.72 -0.20 12.44
CA SER A 96 28.67 -1.44 13.21
C SER A 96 29.64 -1.43 14.38
N LYS A 97 30.28 -0.28 14.58
CA LYS A 97 31.04 -0.02 15.80
C LYS A 97 30.10 0.66 16.79
N ARG A 98 29.49 -0.15 17.65
CA ARG A 98 28.49 0.35 18.60
C ARG A 98 29.07 0.54 19.98
N LYS A 99 28.56 1.56 20.66
CA LYS A 99 28.91 1.83 22.03
C LYS A 99 27.62 2.05 22.77
N ILE A 100 27.62 1.74 24.07
CA ILE A 100 26.50 2.11 24.93
C ILE A 100 26.81 3.47 25.52
N VAL A 101 25.97 4.46 25.23
CA VAL A 101 26.16 5.78 25.82
C VAL A 101 24.85 6.19 26.47
N LYS A 102 24.94 7.08 27.45
CA LYS A 102 23.76 7.62 28.10
CA LYS A 102 23.76 7.62 28.10
C LYS A 102 23.27 8.79 27.26
N ILE A 103 22.07 8.66 26.73
CA ILE A 103 21.51 9.68 25.85
C ILE A 103 20.47 10.45 26.65
N ARG A 104 20.26 11.70 26.25
CA ARG A 104 19.32 12.64 26.89
C ARG A 104 19.63 12.88 28.38
N ASP A 105 20.92 12.82 28.72
CA ASP A 105 21.49 13.02 30.08
C ASP A 105 20.91 12.05 31.10
N ARG A 106 20.30 10.97 30.62
CA ARG A 106 19.47 10.11 31.47
C ARG A 106 19.49 8.58 31.28
N TYR A 107 19.46 8.07 30.04
CA TYR A 107 19.35 6.60 29.80
C TYR A 107 20.19 6.02 28.66
N ASP A 108 20.45 4.70 28.74
CA ASP A 108 21.44 4.05 27.86
C ASP A 108 20.89 3.61 26.51
N ALA A 109 21.69 3.79 25.45
CA ALA A 109 21.34 3.29 24.14
C ALA A 109 22.58 2.86 23.39
N SER A 110 22.41 1.93 22.46
CA SER A 110 23.48 1.47 21.58
C SER A 110 23.54 2.40 20.37
N VAL A 111 24.67 3.08 20.19
CA VAL A 111 24.76 4.16 19.19
C VAL A 111 25.98 3.95 18.31
N PRO A 112 25.99 4.56 17.12
CA PRO A 112 27.18 4.48 16.25
C PRO A 112 28.34 5.36 16.71
N THR A 113 29.52 5.08 16.17
CA THR A 113 30.72 5.80 16.54
C THR A 113 31.20 6.67 15.40
N VAL A 114 31.49 7.94 15.72
CA VAL A 114 32.24 8.82 14.82
C VAL A 114 33.75 8.52 14.95
N VAL A 115 34.32 8.02 13.86
CA VAL A 115 35.72 7.56 13.87
C VAL A 115 36.66 8.50 13.13
N GLY A 116 36.10 9.45 12.37
CA GLY A 116 36.91 10.38 11.60
C GLY A 116 36.09 11.57 11.16
N PRO A 117 36.68 12.42 10.31
CA PRO A 117 36.02 13.60 9.80
C PRO A 117 34.72 13.20 9.14
N VAL A 118 33.66 13.95 9.45
CA VAL A 118 32.33 13.62 8.95
C VAL A 118 31.99 14.41 7.69
N SER A 119 31.26 13.79 6.79
CA SER A 119 30.77 14.50 5.61
C SER A 119 29.60 13.77 5.02
N ARG A 120 28.76 14.51 4.28
CA ARG A 120 27.67 13.95 3.51
C ARG A 120 28.19 13.64 2.12
N GLN A 121 28.00 12.43 1.65
CA GLN A 121 28.42 12.13 0.28
C GLN A 121 27.16 11.97 -0.57
N LYS A 122 26.58 10.79 -0.64
CA LYS A 122 25.30 10.67 -1.31
C LYS A 122 24.18 11.20 -0.43
N SER A 123 23.13 11.69 -1.09
CA SER A 123 21.93 12.10 -0.38
C SER A 123 21.31 10.95 0.38
N VAL A 124 20.58 11.26 1.43
CA VAL A 124 20.02 10.22 2.30
C VAL A 124 18.56 9.90 2.06
N PHE A 125 17.70 10.93 2.13
CA PHE A 125 16.27 10.77 2.09
C PHE A 125 15.67 11.44 0.85
N VAL A 126 16.52 11.98 -0.03
CA VAL A 126 16.01 12.77 -1.15
C VAL A 126 15.25 11.91 -2.16
N GLU A 127 15.77 10.74 -2.49
CA GLU A 127 15.05 9.84 -3.40
C GLU A 127 13.72 9.39 -2.78
N ASP A 128 13.71 9.12 -1.47
CA ASP A 128 12.45 8.81 -0.78
C ASP A 128 11.44 9.96 -0.90
N ALA A 129 11.91 11.19 -0.75
CA ALA A 129 11.04 12.35 -0.77
C ALA A 129 10.52 12.55 -2.17
N LYS A 130 11.37 12.33 -3.19
CA LYS A 130 10.90 12.44 -4.58
C LYS A 130 9.81 11.40 -4.85
N PHE A 131 9.99 10.21 -4.29
CA PHE A 131 9.01 9.14 -4.45
C PHE A 131 7.71 9.55 -3.78
N LEU A 132 7.79 10.01 -2.54
CA LEU A 132 6.57 10.40 -1.85
C LEU A 132 5.85 11.57 -2.55
N ARG A 133 6.62 12.53 -3.07
CA ARG A 133 6.08 13.69 -3.75
C ARG A 133 5.20 13.29 -4.95
N LYS A 134 5.57 12.19 -5.62
CA LYS A 134 4.80 11.65 -6.75
C LYS A 134 3.49 10.98 -6.34
N GLN A 135 3.37 10.61 -5.08
CA GLN A 135 2.17 9.88 -4.61
C GLN A 135 1.02 10.81 -4.18
N THR A 136 1.33 12.06 -3.88
CA THR A 136 0.31 12.99 -3.35
C THR A 136 0.60 14.44 -3.66
N THR A 137 -0.47 15.23 -3.75
CA THR A 137 -0.34 16.68 -3.88
C THR A 137 -0.46 17.39 -2.53
N GLN A 138 -0.69 16.64 -1.45
CA GLN A 138 -0.82 17.23 -0.11
C GLN A 138 0.53 17.78 0.37
N PRO A 139 0.51 18.69 1.35
CA PRO A 139 1.80 19.11 1.90
C PRO A 139 2.54 17.95 2.55
N ILE A 140 3.83 17.90 2.34
CA ILE A 140 4.72 16.89 2.91
C ILE A 140 5.67 17.52 3.94
N LYS A 141 5.78 16.87 5.08
CA LYS A 141 6.66 17.25 6.18
C LYS A 141 7.66 16.12 6.38
N TRP A 142 8.93 16.45 6.37
CA TRP A 142 9.99 15.45 6.51
C TRP A 142 10.86 15.88 7.68
N ALA A 143 11.12 14.92 8.57
CA ALA A 143 11.93 15.20 9.74
C ALA A 143 13.35 14.68 9.57
N LEU A 144 14.25 15.50 10.05
CA LEU A 144 15.66 15.17 10.24
C LEU A 144 16.02 15.39 11.71
N PRO A 145 17.04 14.68 12.22
CA PRO A 145 17.50 14.96 13.58
C PRO A 145 18.29 16.28 13.63
N GLY A 146 18.05 17.09 14.66
CA GLY A 146 18.80 18.32 14.88
C GLY A 146 20.25 18.05 15.22
N PRO A 147 21.08 19.08 15.04
CA PRO A 147 22.51 18.90 15.34
C PRO A 147 22.82 18.45 16.78
N THR A 149 20.75 16.84 19.03
CA THR A 149 20.26 15.49 19.24
C THR A 149 21.17 14.50 18.52
N ILE A 151 24.53 14.79 18.09
CA ILE A 151 25.76 14.57 18.88
C ILE A 151 25.45 13.87 20.20
N ASP A 152 24.18 13.89 20.61
CA ASP A 152 23.74 13.21 21.84
C ASP A 152 23.23 11.79 21.57
N THR A 153 23.43 11.25 20.36
CA THR A 153 22.97 9.90 20.02
C THR A 153 24.07 9.15 19.26
N LEU A 154 25.30 9.31 19.74
CA LEU A 154 26.49 8.71 19.12
C LEU A 154 27.64 8.69 20.10
N TYR A 155 28.72 8.03 19.72
CA TYR A 155 29.95 8.10 20.48
C TYR A 155 31.00 8.76 19.60
N ASP A 156 31.50 9.90 20.05
CA ASP A 156 32.44 10.71 19.28
C ASP A 156 33.86 10.34 19.65
N ASP A 157 34.50 9.59 18.76
CA ASP A 157 35.88 9.18 18.95
C ASP A 157 36.82 9.92 18.00
N HIS A 158 36.44 11.13 17.58
CA HIS A 158 37.30 11.91 16.70
C HIS A 158 37.38 13.40 17.05
N TYR A 159 36.25 14.09 17.14
CA TYR A 159 36.24 15.51 17.44
C TYR A 159 36.43 15.78 18.94
N LYS A 160 35.88 14.88 19.78
CA LYS A 160 35.94 15.02 21.23
C LYS A 160 35.37 16.37 21.68
N SER A 161 34.31 16.77 21.00
CA SER A 161 33.67 18.05 21.27
C SER A 161 32.25 18.01 20.75
N ARG A 162 31.28 18.14 21.66
CA ARG A 162 29.87 18.18 21.25
C ARG A 162 29.62 19.35 20.30
N GLU A 163 30.16 20.51 20.66
CA GLU A 163 29.97 21.74 19.88
C GLU A 163 30.63 21.66 18.49
N LYS A 164 31.88 21.21 18.42
CA LYS A 164 32.57 21.16 17.13
C LYS A 164 31.86 20.18 16.21
N LEU A 165 31.46 19.03 16.74
CA LEU A 165 30.81 18.04 15.91
C LEU A 165 29.42 18.53 15.48
N ALA A 166 28.70 19.17 16.41
CA ALA A 166 27.37 19.68 16.11
C ALA A 166 27.44 20.69 14.98
N TRP A 167 28.49 21.52 14.95
CA TRP A 167 28.66 22.48 13.87
C TRP A 167 28.79 21.79 12.54
N GLU A 168 29.62 20.74 12.49
CA GLU A 168 29.74 19.98 11.23
C GLU A 168 28.44 19.37 10.82
N PHE A 169 27.70 18.82 11.79
CA PHE A 169 26.41 18.26 11.47
C PHE A 169 25.41 19.31 10.97
N ALA A 170 25.46 20.53 11.51
CA ALA A 170 24.58 21.60 11.02
C ALA A 170 24.77 21.84 9.51
N LYS A 171 26.04 21.85 9.07
CA LYS A 171 26.37 22.07 7.66
C LYS A 171 25.81 20.92 6.80
N ILE A 172 26.01 19.70 7.28
CA ILE A 172 25.52 18.49 6.60
C ILE A 172 24.00 18.49 6.53
N LEU A 173 23.34 18.75 7.66
CA LEU A 173 21.89 18.90 7.66
C LEU A 173 21.37 19.94 6.65
N ASN A 174 22.06 21.06 6.56
CA ASN A 174 21.66 22.10 5.62
C ASN A 174 21.72 21.58 4.19
N GLU A 175 22.76 20.82 3.87
CA GLU A 175 22.87 20.21 2.53
C GLU A 175 21.70 19.26 2.29
N GLU A 176 21.42 18.38 3.23
CA GLU A 176 20.31 17.47 3.08
C GLU A 176 18.98 18.22 2.98
N ALA A 177 18.77 19.15 3.89
CA ALA A 177 17.50 19.88 3.92
C ALA A 177 17.24 20.65 2.63
N LYS A 178 18.25 21.32 2.11
CA LYS A 178 18.09 22.08 0.87
C LYS A 178 17.69 21.10 -0.26
N GLU A 179 18.27 19.90 -0.27
CA GLU A 179 17.96 18.97 -1.34
C GLU A 179 16.57 18.33 -1.17
N LEU A 180 16.12 18.19 0.09
CA LEU A 180 14.75 17.78 0.36
C LEU A 180 13.77 18.86 -0.13
N GLU A 181 14.12 20.12 0.04
CA GLU A 181 13.30 21.23 -0.50
C GLU A 181 13.23 21.13 -2.05
N ALA A 182 14.36 20.81 -2.68
CA ALA A 182 14.39 20.67 -4.15
C ALA A 182 13.50 19.52 -4.59
N ALA A 183 13.39 18.51 -3.75
CA ALA A 183 12.56 17.32 -4.00
C ALA A 183 11.08 17.60 -3.79
N GLY A 184 10.72 18.74 -3.23
CA GLY A 184 9.33 19.14 -3.08
C GLY A 184 8.77 19.03 -1.68
N VAL A 185 9.63 18.85 -0.69
CA VAL A 185 9.16 18.83 0.70
C VAL A 185 8.69 20.24 1.08
N ASP A 186 7.56 20.33 1.76
CA ASP A 186 6.96 21.62 2.13
C ASP A 186 7.36 22.17 3.51
N ILE A 187 7.58 21.26 4.45
CA ILE A 187 8.00 21.59 5.81
C ILE A 187 9.16 20.64 6.16
N ILE A 188 10.30 21.21 6.51
CA ILE A 188 11.43 20.44 7.00
C ILE A 188 11.48 20.62 8.50
N GLN A 189 11.34 19.51 9.22
CA GLN A 189 11.32 19.50 10.69
C GLN A 189 12.64 18.98 11.21
N PHE A 190 13.16 19.64 12.23
CA PHE A 190 14.39 19.22 12.92
C PHE A 190 14.00 18.74 14.31
N ASP A 191 14.31 17.48 14.62
CA ASP A 191 13.94 16.88 15.89
C ASP A 191 15.02 17.19 16.89
N GLU A 192 14.65 17.99 17.89
CA GLU A 192 15.58 18.41 18.96
C GLU A 192 15.05 18.09 20.37
N PRO A 193 14.75 16.81 20.65
CA PRO A 193 14.40 16.48 22.03
C PRO A 193 15.52 16.86 23.04
N ALA A 194 16.78 16.87 22.59
CA ALA A 194 17.90 17.27 23.44
C ALA A 194 17.73 18.70 23.98
N PHE A 195 16.96 19.52 23.28
CA PHE A 195 16.70 20.91 23.76
C PHE A 195 15.93 20.93 25.08
N ASN A 196 15.27 19.84 25.46
CA ASN A 196 14.55 19.82 26.74
C ASN A 196 15.43 19.41 27.92
N VAL A 197 16.74 19.31 27.65
CA VAL A 197 17.76 18.83 28.59
C VAL A 197 18.94 19.84 28.71
N PHE A 198 19.62 20.13 27.60
CA PHE A 198 20.92 20.78 27.66
C PHE A 198 20.79 22.27 27.43
N PHE A 199 20.19 22.94 28.41
CA PHE A 199 19.81 24.35 28.23
C PHE A 199 20.98 25.30 27.94
N ASP A 200 22.06 25.13 28.68
CA ASP A 200 23.25 25.99 28.47
C ASP A 200 23.79 25.84 27.06
N GLU A 201 23.88 24.59 26.59
CA GLU A 201 24.37 24.31 25.25
C GLU A 201 23.44 24.89 24.20
N VAL A 202 22.12 24.77 24.41
CA VAL A 202 21.16 25.39 23.50
C VAL A 202 21.45 26.89 23.36
N ASN A 203 21.61 27.56 24.49
CA ASN A 203 21.89 29.00 24.50
C ASN A 203 23.22 29.37 23.84
N ASP A 204 24.27 28.61 24.13
CA ASP A 204 25.61 28.94 23.66
C ASP A 204 25.84 28.62 22.18
N TRP A 205 25.30 27.49 21.72
CA TRP A 205 25.52 27.07 20.34
C TRP A 205 24.41 26.29 19.67
N GLY A 206 23.49 25.69 20.43
CA GLY A 206 22.44 24.87 19.80
C GLY A 206 21.53 25.64 18.85
N ILE A 207 21.12 26.83 19.25
CA ILE A 207 20.32 27.69 18.38
C ILE A 207 21.12 28.08 17.16
N ALA A 208 22.37 28.50 17.36
CA ALA A 208 23.24 28.84 16.24
C ALA A 208 23.41 27.69 15.26
N CYS A 209 23.53 26.47 15.78
CA CYS A 209 23.66 25.29 14.91
C CYS A 209 22.35 25.04 14.16
N LEU A 210 21.21 25.20 14.85
CA LEU A 210 19.93 25.10 14.17
C LEU A 210 19.78 26.16 13.07
N GLU A 211 20.26 27.38 13.31
CA GLU A 211 20.20 28.41 12.30
C GLU A 211 21.06 28.06 11.10
N ARG A 212 22.24 27.48 11.34
CA ARG A 212 23.10 27.05 10.24
C ARG A 212 22.44 25.92 9.41
N ALA A 213 21.70 25.06 10.11
CA ALA A 213 20.99 23.95 9.46
C ALA A 213 19.90 24.44 8.55
N ILE A 214 19.28 25.58 8.89
CA ILE A 214 18.14 26.08 8.11
C ILE A 214 18.47 27.21 7.16
N GLU A 215 19.75 27.61 7.13
CA GLU A 215 20.14 28.78 6.33
C GLU A 215 19.75 28.60 4.89
N GLY A 216 19.07 29.61 4.33
CA GLY A 216 18.79 29.62 2.91
C GLY A 216 17.60 28.81 2.44
N LEU A 217 16.95 28.07 3.34
CA LEU A 217 15.72 27.38 2.99
C LEU A 217 14.58 28.39 2.74
N LYS A 218 13.78 28.14 1.70
CA LYS A 218 12.63 28.99 1.43
C LYS A 218 11.31 28.35 1.88
N CYS A 219 11.32 27.03 2.03
CA CYS A 219 10.17 26.31 2.58
C CYS A 219 10.04 26.60 4.08
N GLU A 220 8.96 26.14 4.68
CA GLU A 220 8.80 26.28 6.12
C GLU A 220 9.68 25.29 6.85
N THR A 221 10.13 25.72 8.02
CA THR A 221 10.94 24.93 8.94
C THR A 221 10.25 24.79 10.28
N ALA A 222 10.48 23.64 10.91
CA ALA A 222 9.91 23.32 12.20
C ALA A 222 10.99 22.74 13.08
N VAL A 223 10.85 22.93 14.38
CA VAL A 223 11.68 22.25 15.35
C VAL A 223 10.73 21.52 16.31
N HIS A 224 11.03 20.27 16.59
CA HIS A 224 10.20 19.44 17.45
C HIS A 224 10.95 19.19 18.75
N ILE A 225 10.31 19.52 19.88
CA ILE A 225 10.93 19.39 21.21
C ILE A 225 9.85 18.81 22.12
N CYS A 226 10.13 17.66 22.72
CA CYS A 226 9.12 16.84 23.37
C CYS A 226 9.71 16.21 24.63
N TYR A 227 8.93 15.33 25.27
CA TYR A 227 9.37 14.56 26.41
C TYR A 227 9.45 13.09 26.06
N GLY A 228 9.59 12.80 24.76
CA GLY A 228 10.09 11.50 24.29
C GLY A 228 9.10 10.47 23.86
N TYR A 229 9.64 9.38 23.34
CA TYR A 229 8.80 8.26 22.94
C TYR A 229 8.11 7.62 24.11
N GLY A 230 7.05 6.89 23.80
CA GLY A 230 6.30 6.10 24.75
C GLY A 230 7.02 4.83 25.11
N ILE A 231 8.03 4.99 25.96
CA ILE A 231 8.82 3.88 26.49
C ILE A 231 8.94 4.08 27.99
N LYS A 232 9.20 2.98 28.70
CA LYS A 232 9.25 3.00 30.17
C LYS A 232 10.19 4.04 30.78
N ALA A 233 11.40 4.13 30.24
CA ALA A 233 12.39 5.09 30.70
C ALA A 233 11.82 6.51 30.77
N ASN A 234 11.01 6.88 29.79
CA ASN A 234 10.46 8.22 29.71
C ASN A 234 9.25 8.39 30.60
N THR A 235 8.40 7.37 30.70
CA THR A 235 7.24 7.50 31.58
C THR A 235 7.70 7.54 33.06
N ASP A 236 8.75 6.79 33.39
CA ASP A 236 9.34 6.88 34.73
C ASP A 236 9.87 8.30 34.96
N TRP A 237 10.58 8.83 33.97
CA TRP A 237 11.14 10.18 34.09
C TRP A 237 10.03 11.22 34.30
N LYS A 238 8.95 11.09 33.55
CA LYS A 238 7.86 12.06 33.65
C LYS A 238 7.32 12.09 35.08
N LYS A 239 7.35 10.96 35.79
CA LYS A 239 6.83 10.90 37.16
C LYS A 239 7.69 11.68 38.14
N THR A 240 8.85 12.16 37.68
CA THR A 240 9.75 12.94 38.55
C THR A 240 9.76 14.43 38.30
N LEU A 241 9.04 14.86 37.27
CA LEU A 241 9.10 16.22 36.77
C LEU A 241 8.21 17.23 37.49
N GLY A 242 7.38 16.79 38.44
CA GLY A 242 6.64 17.69 39.27
C GLY A 242 5.40 18.29 38.63
N SER A 243 4.86 19.31 39.31
CA SER A 243 3.58 19.93 38.94
C SER A 243 3.57 20.78 37.67
N GLU A 244 4.73 21.33 37.33
CA GLU A 244 4.89 22.18 36.16
C GLU A 244 6.17 21.78 35.44
N TRP A 245 6.05 21.41 34.16
CA TRP A 245 7.20 21.06 33.34
C TRP A 245 7.51 22.33 32.58
N ARG A 246 8.54 23.04 33.03
CA ARG A 246 8.83 24.37 32.47
C ARG A 246 10.08 24.41 31.60
N GLN A 247 10.53 23.26 31.13
CA GLN A 247 11.72 23.17 30.29
C GLN A 247 11.65 24.09 29.08
N TYR A 248 10.48 24.26 28.48
CA TYR A 248 10.35 25.11 27.31
C TYR A 248 10.69 26.56 27.60
N GLU A 249 10.53 26.99 28.85
CA GLU A 249 10.77 28.37 29.21
C GLU A 249 12.25 28.67 29.02
N GLU A 250 13.11 27.66 29.14
CA GLU A 250 14.56 27.85 28.94
C GLU A 250 14.95 28.20 27.49
N VAL A 251 14.17 27.77 26.52
CA VAL A 251 14.58 27.82 25.10
C VAL A 251 13.61 28.61 24.21
N PHE A 252 12.36 28.75 24.61
CA PHE A 252 11.39 29.48 23.79
C PHE A 252 11.77 30.92 23.43
N PRO A 253 12.34 31.70 24.39
CA PRO A 253 12.69 33.08 24.03
C PRO A 253 13.66 33.15 22.83
N LYS A 254 14.68 32.32 22.82
CA LYS A 254 15.59 32.25 21.66
C LYS A 254 14.94 31.68 20.41
N LEU A 255 14.07 30.69 20.54
CA LEU A 255 13.39 30.15 19.35
C LEU A 255 12.47 31.22 18.73
N GLN A 256 11.84 32.01 19.59
CA GLN A 256 10.99 33.12 19.14
C GLN A 256 11.76 34.09 18.24
N LYS A 257 13.01 34.36 18.59
CA LYS A 257 13.89 35.29 17.84
C LYS A 257 14.55 34.66 16.62
N SER A 258 14.51 33.33 16.56
CA SER A 258 15.08 32.56 15.44
C SER A 258 14.23 32.60 14.19
N ASN A 259 14.79 32.05 13.11
CA ASN A 259 14.12 31.96 11.83
C ASN A 259 13.30 30.71 11.66
N ILE A 260 13.21 29.87 12.68
CA ILE A 260 12.31 28.70 12.58
C ILE A 260 10.85 29.14 12.47
N ASP A 261 10.07 28.48 11.60
CA ASP A 261 8.68 28.94 11.37
C ASP A 261 7.64 28.30 12.29
N ILE A 262 7.88 27.05 12.64
CA ILE A 262 6.90 26.23 13.36
C ILE A 262 7.58 25.55 14.53
N ILE A 263 6.93 25.58 15.67
CA ILE A 263 7.43 24.88 16.86
C ILE A 263 6.46 23.77 17.19
N SER A 264 6.95 22.53 17.21
CA SER A 264 6.19 21.32 17.55
C SER A 264 6.53 20.93 18.98
N LEU A 265 5.50 20.81 19.80
CA LEU A 265 5.63 20.61 21.23
C LEU A 265 4.72 19.53 21.74
N GLU A 266 5.02 19.09 22.94
CA GLU A 266 4.22 18.11 23.65
C GLU A 266 3.31 18.89 24.58
N CYS A 267 2.04 18.53 24.59
N CYS A 267 2.02 18.55 24.56
CA CYS A 267 1.07 19.20 25.44
CA CYS A 267 1.05 19.23 25.41
C CYS A 267 0.09 18.23 26.10
C CYS A 267 0.08 18.24 26.08
N HIS A 268 -0.54 17.37 25.30
CA HIS A 268 -1.59 16.53 25.82
C HIS A 268 -1.10 15.63 26.96
N ASN A 269 -1.84 15.69 28.07
CA ASN A 269 -1.56 14.96 29.31
C ASN A 269 -0.31 15.40 30.04
N SER A 270 0.34 16.44 29.54
CA SER A 270 1.57 16.95 30.14
C SER A 270 1.25 17.89 31.27
N HIS A 271 2.29 18.30 31.99
CA HIS A 271 2.17 19.38 32.95
C HIS A 271 2.88 20.64 32.45
N VAL A 272 2.98 20.79 31.14
CA VAL A 272 3.52 22.04 30.59
C VAL A 272 2.48 23.14 30.76
N PRO A 273 2.84 24.26 31.42
CA PRO A 273 1.89 25.36 31.53
C PRO A 273 1.58 25.91 30.14
N GLU A 275 0.44 28.64 29.16
CA GLU A 275 0.85 30.04 28.95
C GLU A 275 2.28 30.19 28.46
N LEU A 276 3.10 29.14 28.55
CA LEU A 276 4.43 29.23 27.93
C LEU A 276 4.34 29.46 26.43
N LEU A 277 3.23 29.06 25.82
CA LEU A 277 3.06 29.30 24.37
C LEU A 277 3.06 30.81 24.02
N GLU A 278 2.80 31.69 24.99
CA GLU A 278 2.86 33.12 24.74
C GLU A 278 4.26 33.53 24.38
N LEU A 279 5.25 32.81 24.88
CA LEU A 279 6.65 33.16 24.58
C LEU A 279 7.02 33.01 23.11
N ILE A 280 6.25 32.23 22.37
CA ILE A 280 6.48 32.04 20.93
C ILE A 280 5.35 32.63 20.08
N ARG A 281 4.66 33.62 20.64
CA ARG A 281 3.53 34.26 19.99
C ARG A 281 3.97 34.78 18.64
N GLY A 282 3.26 34.37 17.60
CA GLY A 282 3.63 34.72 16.24
C GLY A 282 4.10 33.56 15.42
N LYS A 283 4.65 32.54 16.07
CA LYS A 283 5.07 31.34 15.38
C LYS A 283 3.85 30.47 15.10
N LYS A 284 3.98 29.60 14.11
CA LYS A 284 3.00 28.53 14.01
C LYS A 284 3.37 27.51 15.07
N VAL A 285 2.35 26.91 15.68
CA VAL A 285 2.55 25.97 16.79
C VAL A 285 1.86 24.66 16.49
N VAL A 287 0.76 21.73 18.14
CA VAL A 287 0.39 21.43 19.52
C VAL A 287 0.07 19.96 19.63
N GLY A 288 0.85 19.22 20.39
CA GLY A 288 0.59 17.82 20.60
C GLY A 288 -0.73 17.63 21.33
N ALA A 289 -1.68 16.97 20.68
CA ALA A 289 -3.02 16.70 21.20
C ALA A 289 -3.29 15.22 21.33
N ILE A 290 -2.23 14.40 21.22
CA ILE A 290 -2.26 12.97 21.35
C ILE A 290 -1.04 12.59 22.21
N ASP A 291 -1.29 11.81 23.25
CA ASP A 291 -0.28 11.27 24.15
C ASP A 291 0.18 9.93 23.59
N VAL A 292 1.41 9.87 23.12
CA VAL A 292 1.92 8.66 22.49
C VAL A 292 2.61 7.76 23.50
N ALA A 293 2.44 8.05 24.81
CA ALA A 293 3.02 7.28 25.91
C ALA A 293 1.97 6.50 26.69
N THR A 294 0.75 6.44 26.17
CA THR A 294 -0.26 5.53 26.68
C THR A 294 -0.96 4.90 25.48
N ASP A 295 -1.44 3.67 25.66
CA ASP A 295 -2.20 2.97 24.62
C ASP A 295 -3.68 3.36 24.65
N THR A 296 -4.10 4.03 25.71
CA THR A 296 -5.45 4.55 25.80
C THR A 296 -5.71 5.54 24.67
N ILE A 297 -6.79 5.32 23.95
CA ILE A 297 -7.14 6.14 22.79
C ILE A 297 -7.90 7.35 23.27
N GLU A 298 -7.39 8.53 22.91
CA GLU A 298 -8.09 9.80 23.14
C GLU A 298 -9.47 9.81 22.52
N THR A 299 -10.43 10.44 23.19
CA THR A 299 -11.68 10.81 22.54
C THR A 299 -11.51 12.09 21.73
N ALA A 300 -12.35 12.27 20.73
CA ALA A 300 -12.36 13.49 19.91
C ALA A 300 -12.50 14.72 20.82
N GLU A 301 -13.36 14.63 21.84
CA GLU A 301 -13.56 15.76 22.74
C GLU A 301 -12.32 16.06 23.59
N GLU A 302 -11.57 15.04 23.99
CA GLU A 302 -10.33 15.28 24.76
C GLU A 302 -9.31 16.02 23.88
N VAL A 303 -9.21 15.62 22.62
CA VAL A 303 -8.31 16.29 21.69
C VAL A 303 -8.77 17.73 21.51
N ALA A 304 -10.06 17.91 21.34
CA ALA A 304 -10.64 19.25 21.15
C ALA A 304 -10.34 20.16 22.33
N ASP A 305 -10.43 19.58 23.53
CA ASP A 305 -10.17 20.33 24.75
C ASP A 305 -8.76 20.91 24.77
N THR A 306 -7.76 20.11 24.44
CA THR A 306 -6.39 20.60 24.34
C THR A 306 -6.27 21.71 23.31
N LEU A 307 -6.89 21.54 22.14
CA LEU A 307 -6.81 22.57 21.12
C LEU A 307 -7.47 23.88 21.55
N ARG A 308 -8.61 23.77 22.22
CA ARG A 308 -9.30 24.98 22.74
C ARG A 308 -8.44 25.71 23.75
N LYS A 309 -7.77 24.98 24.64
CA LYS A 309 -6.89 25.60 25.62
C LYS A 309 -5.73 26.31 24.92
N ALA A 310 -5.21 25.71 23.86
CA ALA A 310 -4.12 26.31 23.11
C ALA A 310 -4.53 27.60 22.39
N LEU A 311 -5.78 27.69 21.96
CA LEU A 311 -6.28 28.89 21.26
C LEU A 311 -6.22 30.14 22.15
N LYS A 312 -6.10 29.98 23.46
CA LYS A 312 -5.94 31.13 24.35
CA LYS A 312 -5.93 31.12 24.36
C LYS A 312 -4.58 31.79 24.12
N PHE A 313 -3.63 31.01 23.61
CA PHE A 313 -2.23 31.46 23.44
C PHE A 313 -1.71 31.41 22.01
N VAL A 314 -2.51 30.91 21.09
CA VAL A 314 -2.13 30.80 19.68
C VAL A 314 -3.32 31.22 18.81
N ASP A 315 -3.08 32.11 17.86
CA ASP A 315 -4.11 32.52 16.88
C ASP A 315 -4.60 31.28 16.14
N ALA A 316 -5.87 31.27 15.78
CA ALA A 316 -6.44 30.09 15.14
C ALA A 316 -5.71 29.72 13.85
N ASP A 317 -5.28 30.74 13.09
CA ASP A 317 -4.57 30.50 11.85
C ASP A 317 -3.10 30.09 12.02
N LYS A 318 -2.66 29.94 13.28
CA LYS A 318 -1.30 29.47 13.59
C LYS A 318 -1.31 28.18 14.36
N LEU A 319 -2.49 27.62 14.63
CA LEU A 319 -2.61 26.38 15.40
C LEU A 319 -2.63 25.15 14.50
N TYR A 320 -1.68 24.26 14.72
CA TYR A 320 -1.50 23.06 13.91
C TYR A 320 -1.64 21.85 14.84
N PRO A 321 -2.83 21.22 14.85
CA PRO A 321 -2.98 20.06 15.73
C PRO A 321 -2.02 18.93 15.35
N CYS A 322 -1.35 18.34 16.34
CA CYS A 322 -0.29 17.39 16.09
C CYS A 322 -0.29 16.30 17.19
N THR A 323 0.76 15.48 17.19
CA THR A 323 0.92 14.45 18.22
C THR A 323 2.08 14.87 19.10
N ASN A 324 2.13 14.42 20.36
CA ASN A 324 3.22 14.85 21.22
C ASN A 324 4.59 14.37 20.75
N CYS A 325 4.62 13.19 20.15
CA CYS A 325 5.84 12.62 19.60
C CYS A 325 5.44 11.57 18.57
N GLY A 326 6.43 10.83 18.07
CA GLY A 326 6.21 9.83 17.05
C GLY A 326 5.58 8.57 17.59
N THR A 328 6.12 5.27 16.11
CA THR A 328 6.74 4.03 15.70
C THR A 328 6.66 2.92 16.76
N PRO A 329 6.70 3.23 18.07
CA PRO A 329 6.62 2.16 19.09
C PRO A 329 5.23 1.61 19.37
N LEU A 330 4.21 2.26 18.83
CA LEU A 330 2.81 1.84 19.06
C LEU A 330 2.38 0.79 18.05
N SER A 331 1.30 0.08 18.36
CA SER A 331 0.72 -0.82 17.41
C SER A 331 -0.06 -0.09 16.31
N HIS A 332 -0.33 -0.78 15.19
CA HIS A 332 -1.09 -0.15 14.12
C HIS A 332 -2.48 0.22 14.63
N GLN A 333 -3.09 -0.64 15.45
CA GLN A 333 -4.45 -0.40 15.88
C GLN A 333 -4.59 0.84 16.80
N VAL A 334 -3.66 0.98 17.72
CA VAL A 334 -3.61 2.14 18.62
C VAL A 334 -3.34 3.40 17.82
N THR A 335 -2.40 3.30 16.87
CA THR A 335 -2.07 4.44 16.04
C THR A 335 -3.28 4.89 15.23
N ARG A 336 -4.00 3.94 14.64
CA ARG A 336 -5.18 4.29 13.88
C ARG A 336 -6.22 5.02 14.73
N GLY A 337 -6.47 4.49 15.93
CA GLY A 337 -7.44 5.12 16.80
C GLY A 337 -7.04 6.52 17.19
N LYS A 338 -5.75 6.71 17.46
CA LYS A 338 -5.25 8.02 17.87
C LYS A 338 -5.30 9.02 16.74
N LEU A 339 -4.89 8.60 15.53
CA LEU A 339 -4.94 9.54 14.42
C LEU A 339 -6.39 9.91 14.08
N ASN A 340 -7.30 8.95 14.19
CA ASN A 340 -8.73 9.25 13.98
C ASN A 340 -9.23 10.26 15.02
N ALA A 341 -8.80 10.09 16.28
CA ALA A 341 -9.18 11.05 17.32
C ALA A 341 -8.62 12.43 17.05
N LEU A 342 -7.39 12.51 16.58
CA LEU A 342 -6.77 13.80 16.30
C LEU A 342 -7.56 14.55 15.24
N SER A 343 -7.86 13.88 14.13
N SER A 343 -7.86 13.89 14.12
CA SER A 343 -8.63 14.51 13.06
CA SER A 343 -8.62 14.57 13.07
C SER A 343 -10.05 14.86 13.49
C SER A 343 -10.05 14.88 13.50
N ALA A 344 -10.69 13.97 14.24
CA ALA A 344 -12.04 14.22 14.75
C ALA A 344 -12.08 15.39 15.72
N GLY A 345 -11.09 15.48 16.62
CA GLY A 345 -11.01 16.61 17.55
C GLY A 345 -10.72 17.93 16.86
N ALA A 346 -9.80 17.92 15.91
CA ALA A 346 -9.55 19.11 15.11
C ALA A 346 -10.81 19.59 14.41
N GLU A 347 -11.60 18.66 13.89
CA GLU A 347 -12.81 19.03 13.15
C GLU A 347 -13.84 19.64 14.10
N ILE A 348 -13.96 19.13 15.33
CA ILE A 348 -14.86 19.73 16.32
C ILE A 348 -14.54 21.23 16.48
N VAL A 349 -13.28 21.55 16.69
CA VAL A 349 -12.86 22.92 16.92
C VAL A 349 -12.94 23.76 15.64
N ARG A 350 -12.62 23.17 14.50
CA ARG A 350 -12.74 23.85 13.24
C ARG A 350 -14.19 24.27 13.03
N LYS A 351 -15.14 23.37 13.30
CA LYS A 351 -16.54 23.70 13.12
C LYS A 351 -17.00 24.77 14.08
N GLU A 352 -16.50 24.75 15.31
CA GLU A 352 -16.83 25.81 16.27
C GLU A 352 -16.32 27.15 15.75
N LEU A 353 -15.06 27.18 15.31
CA LEU A 353 -14.44 28.41 14.80
C LEU A 353 -15.17 28.98 13.57
N LEU A 354 -15.77 28.12 12.76
CA LEU A 354 -16.46 28.56 11.56
C LEU A 354 -17.99 28.65 11.73
N ALA A 355 -18.48 28.45 12.96
CA ALA A 355 -19.90 28.52 13.28
C ALA A 355 -20.73 27.53 12.44
N LEU A 356 -20.15 26.36 12.20
CA LEU A 356 -20.81 25.34 11.37
C LEU A 356 -21.71 24.43 12.19
N ARG A 357 -21.49 24.39 13.49
CA ARG A 357 -22.38 23.65 14.40
C ARG A 357 -22.67 24.45 15.66
N ALA B 16 -20.69 3.94 -15.44
CA ALA B 16 -21.86 3.46 -16.22
C ALA B 16 -21.41 2.69 -17.46
N LEU B 17 -20.72 3.42 -18.34
CA LEU B 17 -20.53 3.04 -19.72
C LEU B 17 -19.11 2.52 -19.94
N LEU B 18 -18.97 1.34 -20.52
CA LEU B 18 -17.65 0.75 -20.83
C LEU B 18 -16.76 0.74 -19.55
N PRO B 19 -17.27 0.18 -18.45
CA PRO B 19 -16.43 0.08 -17.25
C PRO B 19 -15.28 -0.88 -17.52
N THR B 20 -14.08 -0.49 -17.14
CA THR B 20 -12.90 -1.31 -17.39
C THR B 20 -12.70 -2.30 -16.26
N SER B 21 -12.03 -3.39 -16.60
CA SER B 21 -11.62 -4.43 -15.66
C SER B 21 -10.41 -5.15 -16.24
N THR B 22 -9.87 -6.10 -15.49
CA THR B 22 -8.84 -6.99 -16.06
C THR B 22 -9.26 -8.42 -15.81
N ALA B 23 -8.55 -9.38 -16.42
CA ALA B 23 -8.89 -10.80 -16.24
C ALA B 23 -8.72 -11.31 -14.80
N GLY B 24 -7.88 -10.65 -14.02
CA GLY B 24 -7.82 -10.87 -12.59
C GLY B 24 -6.46 -10.65 -11.98
N SER B 25 -5.44 -11.35 -12.48
CA SER B 25 -4.13 -11.38 -11.81
C SER B 25 -3.24 -10.22 -12.22
N LEU B 26 -2.47 -9.74 -11.25
CA LEU B 26 -1.55 -8.64 -11.46
C LEU B 26 -0.23 -9.01 -10.80
N PRO B 27 0.86 -8.33 -11.18
CA PRO B 27 2.15 -8.64 -10.57
C PRO B 27 2.13 -8.47 -9.04
N LYS B 28 2.88 -9.33 -8.37
CA LYS B 28 3.03 -9.28 -6.91
C LYS B 28 4.30 -8.50 -6.47
N PRO B 29 4.31 -8.00 -5.24
CA PRO B 29 5.53 -7.34 -4.76
C PRO B 29 6.73 -8.27 -4.69
N LEU B 30 7.90 -7.69 -4.95
CA LEU B 30 9.15 -8.42 -4.95
C LEU B 30 9.41 -9.07 -3.59
N TRP B 31 8.97 -8.43 -2.50
CA TRP B 31 9.18 -8.96 -1.16
C TRP B 31 8.22 -10.10 -0.80
N LEU B 32 7.20 -10.32 -1.64
CA LEU B 32 6.20 -11.34 -1.39
C LEU B 32 6.45 -12.61 -2.20
N ALA B 33 6.86 -12.44 -3.45
CA ALA B 33 7.02 -13.59 -4.36
C ALA B 33 7.96 -13.25 -5.48
N GLU B 34 8.45 -14.29 -6.16
CA GLU B 34 9.38 -14.10 -7.25
C GLU B 34 8.64 -13.46 -8.43
N PRO B 35 9.25 -12.49 -9.07
CA PRO B 35 8.61 -11.73 -10.15
C PRO B 35 8.50 -12.51 -11.47
N GLU B 36 7.48 -12.15 -12.26
CA GLU B 36 7.37 -12.53 -13.66
C GLU B 36 7.36 -14.05 -13.86
N THR B 37 6.71 -14.75 -12.94
CA THR B 37 6.60 -16.19 -13.06
C THR B 37 5.22 -16.63 -12.61
N LEU B 38 4.81 -17.76 -13.14
CA LEU B 38 3.62 -18.45 -12.66
C LEU B 38 4.05 -19.39 -11.54
N TRP B 39 3.09 -19.79 -10.70
CA TRP B 39 3.42 -20.61 -9.52
C TRP B 39 4.63 -20.09 -8.70
N SER B 40 4.66 -18.79 -8.47
CA SER B 40 5.76 -18.22 -7.72
C SER B 40 5.70 -18.62 -6.24
N PRO B 41 6.78 -19.24 -5.68
CA PRO B 41 6.87 -19.57 -4.25
C PRO B 41 6.74 -18.31 -3.36
N TRP B 42 6.11 -18.42 -2.19
CA TRP B 42 6.01 -17.27 -1.26
C TRP B 42 7.34 -17.04 -0.58
N LYS B 43 7.69 -15.77 -0.42
CA LYS B 43 8.93 -15.37 0.26
C LYS B 43 8.74 -15.05 1.75
N LEU B 44 7.51 -15.07 2.21
CA LEU B 44 7.18 -14.86 3.61
C LEU B 44 6.48 -16.08 4.16
N GLN B 45 6.52 -16.20 5.48
CA GLN B 45 5.86 -17.30 6.19
C GLN B 45 5.04 -16.76 7.35
N GLY B 46 4.14 -17.59 7.86
CA GLY B 46 3.45 -17.35 9.11
C GLY B 46 2.67 -16.04 9.12
N GLU B 47 2.79 -15.29 10.21
CA GLU B 47 2.05 -14.06 10.35
C GLU B 47 2.53 -12.98 9.35
N GLU B 48 3.82 -12.98 9.02
N GLU B 48 3.81 -12.98 9.01
CA GLU B 48 4.37 -12.03 8.06
CA GLU B 48 4.33 -12.00 8.08
C GLU B 48 3.67 -12.22 6.72
C GLU B 48 3.71 -12.21 6.69
N LEU B 49 3.43 -13.47 6.34
CA LEU B 49 2.77 -13.78 5.08
C LEU B 49 1.31 -13.34 5.09
N ILE B 50 0.62 -13.55 6.21
CA ILE B 50 -0.75 -13.11 6.38
C ILE B 50 -0.83 -11.59 6.14
N THR B 51 0.03 -10.85 6.83
CA THR B 51 0.04 -9.41 6.69
C THR B 51 0.47 -9.00 5.28
N GLY B 52 1.49 -9.66 4.77
CA GLY B 52 1.99 -9.33 3.45
C GLY B 52 0.96 -9.52 2.36
N LYS B 53 0.19 -10.59 2.42
CA LYS B 53 -0.88 -10.79 1.46
C LYS B 53 -1.92 -9.63 1.50
N HIS B 54 -2.31 -9.23 2.70
CA HIS B 54 -3.21 -8.09 2.86
C HIS B 54 -2.63 -6.80 2.31
N ASP B 55 -1.38 -6.54 2.64
CA ASP B 55 -0.76 -5.34 2.15
C ASP B 55 -0.63 -5.34 0.63
N ALA B 56 -0.34 -6.52 0.06
CA ALA B 56 -0.30 -6.66 -1.39
C ALA B 56 -1.66 -6.36 -2.00
N LEU B 57 -2.74 -6.85 -1.39
CA LEU B 57 -4.09 -6.47 -1.84
C LEU B 57 -4.27 -4.95 -1.88
N ARG B 58 -3.84 -4.27 -0.81
CA ARG B 58 -3.95 -2.82 -0.74
C ARG B 58 -3.16 -2.14 -1.85
N LEU B 59 -1.92 -2.59 -2.05
CA LEU B 59 -1.08 -1.96 -3.06
C LEU B 59 -1.61 -2.20 -4.48
N SER B 60 -2.13 -3.39 -4.73
CA SER B 60 -2.65 -3.72 -6.05
C SER B 60 -3.92 -2.92 -6.33
N LEU B 61 -4.78 -2.80 -5.30
CA LEU B 61 -5.98 -1.99 -5.45
C LEU B 61 -5.58 -0.56 -5.80
N GLN B 62 -4.61 0.01 -5.08
CA GLN B 62 -4.16 1.38 -5.41
C GLN B 62 -3.65 1.46 -6.84
N ASP B 63 -2.89 0.47 -7.28
CA ASP B 63 -2.38 0.48 -8.64
C ASP B 63 -3.50 0.48 -9.67
N GLN B 64 -4.48 -0.37 -9.42
CA GLN B 64 -5.65 -0.46 -10.32
C GLN B 64 -6.42 0.85 -10.36
N GLN B 65 -6.63 1.44 -9.20
CA GLN B 65 -7.32 2.71 -9.14
C GLN B 65 -6.55 3.81 -9.87
N LEU B 66 -5.23 3.88 -9.68
CA LEU B 66 -4.43 4.93 -10.33
C LEU B 66 -4.46 4.79 -11.86
N ALA B 67 -4.59 3.56 -12.34
CA ALA B 67 -4.61 3.26 -13.78
C ALA B 67 -6.00 3.44 -14.39
N GLY B 68 -6.99 3.71 -13.56
CA GLY B 68 -8.33 4.04 -14.00
C GLY B 68 -9.20 2.82 -14.19
N ILE B 69 -8.88 1.72 -13.51
CA ILE B 69 -9.72 0.52 -13.60
C ILE B 69 -10.98 0.68 -12.75
N ASP B 70 -12.16 0.46 -13.35
CA ASP B 70 -13.45 0.70 -12.70
C ASP B 70 -13.91 -0.46 -11.83
N ILE B 71 -13.78 -1.70 -12.34
CA ILE B 71 -14.17 -2.91 -11.64
C ILE B 71 -12.86 -3.57 -11.24
N VAL B 72 -12.58 -3.60 -9.94
CA VAL B 72 -11.28 -4.05 -9.46
C VAL B 72 -11.31 -5.52 -9.07
N SER B 73 -10.13 -6.10 -9.01
CA SER B 73 -9.95 -7.45 -8.54
C SER B 73 -9.02 -7.45 -7.34
N ASP B 74 -8.86 -8.65 -6.80
CA ASP B 74 -7.82 -8.97 -5.84
C ASP B 74 -6.41 -8.92 -6.40
N GLY B 75 -6.27 -8.68 -7.71
CA GLY B 75 -4.97 -8.79 -8.34
C GLY B 75 -4.37 -10.20 -8.22
N GLU B 76 -5.21 -11.15 -7.78
CA GLU B 76 -4.81 -12.49 -7.36
C GLU B 76 -3.56 -12.47 -6.48
N GLN B 77 -3.51 -11.47 -5.61
CA GLN B 77 -2.31 -11.27 -4.78
C GLN B 77 -2.16 -12.28 -3.67
N THR B 78 -3.26 -12.94 -3.29
CA THR B 78 -3.21 -13.84 -2.15
C THR B 78 -3.11 -15.30 -2.55
N ARG B 79 -2.97 -15.59 -3.86
CA ARG B 79 -2.84 -16.96 -4.30
C ARG B 79 -1.58 -17.15 -5.12
N GLN B 80 -1.00 -18.36 -5.06
CA GLN B 80 0.14 -18.70 -5.90
C GLN B 80 -0.25 -18.92 -7.37
N HIS B 81 -1.44 -19.46 -7.59
CA HIS B 81 -1.87 -19.82 -8.93
C HIS B 81 -3.39 -19.79 -9.02
N PHE B 82 -3.90 -19.42 -10.20
CA PHE B 82 -5.34 -19.19 -10.36
C PHE B 82 -6.17 -20.47 -10.24
N VAL B 83 -5.53 -21.62 -10.39
CA VAL B 83 -6.24 -22.90 -10.29
C VAL B 83 -5.78 -23.69 -9.08
N THR B 84 -4.47 -23.93 -8.99
CA THR B 84 -4.01 -24.88 -8.01
C THR B 84 -4.12 -24.44 -6.55
N THR B 85 -4.05 -23.16 -6.26
CA THR B 85 -4.20 -22.72 -4.89
C THR B 85 -5.55 -23.16 -4.34
N PHE B 86 -6.61 -22.91 -5.11
CA PHE B 86 -7.94 -23.31 -4.68
C PHE B 86 -8.02 -24.83 -4.49
N ILE B 87 -7.49 -25.59 -5.47
CA ILE B 87 -7.52 -27.06 -5.38
C ILE B 87 -6.85 -27.54 -4.10
N GLU B 88 -5.73 -26.94 -3.79
CA GLU B 88 -4.89 -27.41 -2.68
C GLU B 88 -5.45 -27.07 -1.30
N HIS B 89 -6.50 -26.26 -1.25
CA HIS B 89 -7.17 -26.01 0.01
C HIS B 89 -8.31 -26.96 0.30
N LEU B 90 -8.56 -27.91 -0.60
CA LEU B 90 -9.63 -28.88 -0.44
C LEU B 90 -9.18 -30.14 0.28
N ASN B 91 -10.07 -30.73 1.06
CA ASN B 91 -9.85 -32.08 1.56
C ASN B 91 -9.81 -33.03 0.36
N GLY B 92 -9.02 -34.12 0.47
CA GLY B 92 -8.89 -35.09 -0.61
C GLY B 92 -7.76 -34.82 -1.58
N VAL B 93 -7.08 -33.69 -1.38
CA VAL B 93 -5.95 -33.30 -2.23
C VAL B 93 -4.67 -33.36 -1.43
N ASP B 94 -3.64 -33.98 -2.01
CA ASP B 94 -2.31 -33.94 -1.40
C ASP B 94 -1.47 -32.94 -2.18
N PHE B 95 -1.31 -31.73 -1.65
CA PHE B 95 -0.52 -30.67 -2.31
C PHE B 95 0.98 -31.00 -2.41
N SER B 96 1.45 -31.92 -1.58
CA SER B 96 2.85 -32.36 -1.59
C SER B 96 3.12 -33.46 -2.61
N LYS B 97 2.07 -34.06 -3.16
CA LYS B 97 2.21 -35.15 -4.09
C LYS B 97 2.09 -34.54 -5.50
N ARG B 98 3.25 -34.18 -6.05
CA ARG B 98 3.32 -33.38 -7.28
C ARG B 98 3.49 -34.31 -8.46
N LYS B 99 2.93 -33.92 -9.59
CA LYS B 99 3.07 -34.72 -10.77
C LYS B 99 3.18 -33.81 -11.98
N ILE B 100 4.05 -34.19 -12.92
CA ILE B 100 4.10 -33.47 -14.20
C ILE B 100 2.96 -33.98 -15.08
N VAL B 101 2.11 -33.06 -15.53
CA VAL B 101 0.94 -33.37 -16.34
C VAL B 101 0.91 -32.40 -17.52
N LYS B 102 0.46 -32.88 -18.67
CA LYS B 102 0.25 -32.00 -19.82
C LYS B 102 -1.10 -31.35 -19.60
N ILE B 103 -1.09 -30.03 -19.44
CA ILE B 103 -2.33 -29.31 -19.19
C ILE B 103 -2.74 -28.59 -20.47
N ARG B 104 -4.04 -28.35 -20.60
CA ARG B 104 -4.63 -27.65 -21.76
C ARG B 104 -4.36 -28.41 -23.05
N ASP B 105 -4.08 -29.72 -22.95
CA ASP B 105 -3.64 -30.51 -24.10
C ASP B 105 -2.48 -29.79 -24.82
N ARG B 106 -1.61 -29.10 -24.08
CA ARG B 106 -0.66 -28.11 -24.68
C ARG B 106 0.77 -28.13 -24.10
N TYR B 107 0.92 -28.18 -22.78
CA TYR B 107 2.26 -28.06 -22.21
C TYR B 107 2.28 -28.61 -20.80
N ASP B 108 3.48 -28.95 -20.34
CA ASP B 108 3.63 -29.58 -19.03
C ASP B 108 3.57 -28.56 -17.90
N ALA B 109 3.01 -29.01 -16.78
CA ALA B 109 3.04 -28.29 -15.52
C ALA B 109 3.09 -29.28 -14.35
N SER B 110 3.58 -28.82 -13.21
CA SER B 110 3.65 -29.62 -11.99
C SER B 110 2.43 -29.33 -11.16
N VAL B 111 1.60 -30.34 -10.91
CA VAL B 111 0.27 -30.15 -10.36
C VAL B 111 0.04 -31.07 -9.16
N PRO B 112 -0.92 -30.74 -8.30
CA PRO B 112 -1.25 -31.59 -7.15
C PRO B 112 -2.07 -32.83 -7.53
N THR B 113 -2.27 -33.72 -6.55
CA THR B 113 -2.91 -34.98 -6.80
C THR B 113 -4.14 -35.13 -5.91
N VAL B 114 -5.25 -35.51 -6.53
CA VAL B 114 -6.44 -35.91 -5.80
C VAL B 114 -6.28 -37.36 -5.35
N VAL B 115 -6.30 -37.57 -4.04
CA VAL B 115 -6.03 -38.86 -3.44
C VAL B 115 -7.23 -39.49 -2.74
N GLY B 116 -8.30 -38.73 -2.58
CA GLY B 116 -9.51 -39.22 -1.95
C GLY B 116 -10.68 -38.31 -2.27
N PRO B 117 -11.87 -38.63 -1.72
CA PRO B 117 -13.03 -37.79 -1.90
C PRO B 117 -12.74 -36.35 -1.52
N VAL B 118 -13.23 -35.45 -2.37
CA VAL B 118 -12.95 -34.03 -2.21
C VAL B 118 -14.08 -33.30 -1.52
N SER B 119 -13.71 -32.29 -0.76
CA SER B 119 -14.65 -31.46 -0.06
C SER B 119 -14.03 -30.14 0.32
N ARG B 120 -14.89 -29.14 0.46
CA ARG B 120 -14.50 -27.85 1.01
C ARG B 120 -14.76 -27.84 2.49
N GLN B 121 -13.75 -27.52 3.28
CA GLN B 121 -13.94 -27.41 4.72
C GLN B 121 -13.86 -25.93 5.09
N LYS B 122 -12.68 -25.37 5.34
CA LYS B 122 -12.62 -23.95 5.60
C LYS B 122 -12.71 -23.15 4.29
N SER B 123 -13.33 -21.98 4.34
CA SER B 123 -13.36 -21.07 3.20
C SER B 123 -11.95 -20.74 2.75
N VAL B 124 -11.82 -20.45 1.46
CA VAL B 124 -10.50 -20.22 0.86
C VAL B 124 -10.19 -18.75 0.69
N PHE B 125 -11.03 -18.03 -0.03
CA PHE B 125 -10.78 -16.62 -0.38
C PHE B 125 -11.72 -15.63 0.31
N VAL B 126 -12.57 -16.12 1.21
CA VAL B 126 -13.63 -15.29 1.79
C VAL B 126 -13.09 -14.19 2.70
N GLU B 127 -12.15 -14.53 3.58
CA GLU B 127 -11.54 -13.53 4.45
C GLU B 127 -10.82 -12.50 3.60
N ASP B 128 -10.18 -12.93 2.52
CA ASP B 128 -9.46 -11.99 1.65
C ASP B 128 -10.47 -11.04 1.04
N ALA B 129 -11.61 -11.59 0.61
CA ALA B 129 -12.61 -10.76 -0.03
C ALA B 129 -13.27 -9.77 0.96
N LYS B 130 -13.48 -10.21 2.19
CA LYS B 130 -14.01 -9.31 3.23
C LYS B 130 -13.03 -8.17 3.45
N PHE B 131 -11.74 -8.49 3.47
CA PHE B 131 -10.73 -7.46 3.63
C PHE B 131 -10.77 -6.48 2.45
N LEU B 132 -10.77 -7.00 1.23
CA LEU B 132 -10.80 -6.11 0.06
C LEU B 132 -12.05 -5.22 0.07
N ARG B 133 -13.19 -5.80 0.45
CA ARG B 133 -14.45 -5.07 0.45
C ARG B 133 -14.40 -3.83 1.37
N LYS B 134 -13.61 -3.88 2.42
CA LYS B 134 -13.45 -2.73 3.35
C LYS B 134 -12.58 -1.63 2.77
N GLN B 135 -11.84 -1.96 1.71
CA GLN B 135 -10.86 -1.01 1.16
C GLN B 135 -11.44 -0.09 0.08
N THR B 136 -12.57 -0.50 -0.51
CA THR B 136 -13.17 0.25 -1.58
C THR B 136 -14.65 0.01 -1.65
N THR B 137 -15.36 0.99 -2.19
CA THR B 137 -16.77 0.82 -2.51
C THR B 137 -17.04 0.47 -3.99
N GLN B 138 -16.01 0.46 -4.82
N GLN B 138 -15.96 0.38 -4.76
CA GLN B 138 -16.20 0.21 -6.24
CA GLN B 138 -16.01 0.00 -6.17
C GLN B 138 -16.45 -1.29 -6.43
C GLN B 138 -16.56 -1.40 -6.36
N PRO B 139 -17.05 -1.68 -7.57
CA PRO B 139 -17.35 -3.09 -7.81
C PRO B 139 -16.09 -3.96 -7.76
N ILE B 140 -16.24 -5.13 -7.17
CA ILE B 140 -15.17 -6.10 -6.99
C ILE B 140 -15.52 -7.35 -7.77
N LYS B 141 -14.55 -7.79 -8.58
CA LYS B 141 -14.65 -9.03 -9.34
C LYS B 141 -13.63 -10.01 -8.82
N TRP B 142 -14.05 -11.22 -8.49
CA TRP B 142 -13.15 -12.23 -7.92
C TRP B 142 -13.23 -13.46 -8.79
N ALA B 143 -12.06 -14.01 -9.18
CA ALA B 143 -12.03 -15.20 -10.04
C ALA B 143 -11.74 -16.46 -9.25
N LEU B 144 -12.41 -17.51 -9.68
CA LEU B 144 -12.19 -18.88 -9.22
C LEU B 144 -11.99 -19.74 -10.47
N PRO B 145 -11.27 -20.86 -10.33
CA PRO B 145 -11.14 -21.75 -11.48
C PRO B 145 -12.40 -22.52 -11.73
N GLY B 146 -12.76 -22.72 -13.00
CA GLY B 146 -13.95 -23.49 -13.29
C GLY B 146 -13.73 -24.99 -13.14
N PRO B 147 -14.82 -25.77 -13.10
CA PRO B 147 -14.70 -27.21 -12.93
C PRO B 147 -13.79 -27.93 -13.95
N THR B 149 -11.33 -26.67 -15.95
CA THR B 149 -9.96 -26.24 -15.80
C THR B 149 -9.37 -26.82 -14.51
N ILE B 151 -10.14 -29.86 -13.18
CA ILE B 151 -9.77 -31.27 -13.45
C ILE B 151 -8.60 -31.39 -14.41
N ASP B 152 -8.33 -30.33 -15.18
CA ASP B 152 -7.23 -30.29 -16.15
C ASP B 152 -5.95 -29.68 -15.56
N THR B 153 -5.87 -29.49 -14.25
CA THR B 153 -4.70 -28.94 -13.61
C THR B 153 -4.39 -29.71 -12.31
N LEU B 154 -4.53 -31.02 -12.38
CA LEU B 154 -4.23 -31.95 -11.29
C LEU B 154 -4.09 -33.34 -11.90
N TYR B 155 -3.70 -34.30 -11.05
CA TYR B 155 -3.80 -35.70 -11.40
C TYR B 155 -4.76 -36.33 -10.41
N ASP B 156 -5.73 -37.08 -10.93
CA ASP B 156 -6.75 -37.73 -10.11
C ASP B 156 -6.48 -39.20 -9.92
N ASP B 157 -6.07 -39.55 -8.71
CA ASP B 157 -5.83 -40.97 -8.35
C ASP B 157 -7.13 -41.64 -7.88
N HIS B 158 -8.15 -40.85 -7.57
CA HIS B 158 -9.31 -41.39 -6.85
C HIS B 158 -10.56 -41.57 -7.70
N TYR B 159 -11.07 -40.52 -8.29
CA TYR B 159 -12.38 -40.61 -9.00
C TYR B 159 -12.30 -41.39 -10.28
N LYS B 160 -11.25 -41.15 -11.04
CA LYS B 160 -11.07 -41.77 -12.34
C LYS B 160 -12.30 -41.57 -13.24
N SER B 161 -12.91 -40.37 -13.13
CA SER B 161 -14.02 -39.97 -13.97
C SER B 161 -13.98 -38.45 -14.03
N ARG B 162 -13.74 -37.91 -15.23
CA ARG B 162 -13.66 -36.49 -15.41
C ARG B 162 -14.97 -35.79 -15.05
N GLU B 163 -16.07 -36.32 -15.58
CA GLU B 163 -17.36 -35.70 -15.32
C GLU B 163 -17.68 -35.73 -13.85
N LYS B 164 -17.49 -36.88 -13.18
CA LYS B 164 -17.84 -36.96 -11.77
C LYS B 164 -17.01 -36.01 -10.92
N LEU B 165 -15.70 -35.95 -11.18
CA LEU B 165 -14.87 -35.01 -10.42
C LEU B 165 -15.27 -33.54 -10.67
N ALA B 166 -15.57 -33.22 -11.91
CA ALA B 166 -16.03 -31.88 -12.28
C ALA B 166 -17.31 -31.52 -11.55
N TRP B 167 -18.25 -32.47 -11.44
CA TRP B 167 -19.46 -32.23 -10.67
C TRP B 167 -19.15 -31.94 -9.18
N GLU B 168 -18.25 -32.72 -8.58
CA GLU B 168 -17.89 -32.50 -7.20
C GLU B 168 -17.27 -31.11 -7.03
N PHE B 169 -16.43 -30.74 -7.98
CA PHE B 169 -15.84 -29.41 -7.96
C PHE B 169 -16.89 -28.29 -8.16
N ALA B 170 -17.89 -28.53 -8.99
CA ALA B 170 -18.95 -27.55 -9.20
C ALA B 170 -19.66 -27.26 -7.89
N LYS B 171 -19.97 -28.31 -7.12
CA LYS B 171 -20.63 -28.14 -5.81
C LYS B 171 -19.75 -27.32 -4.87
N ILE B 172 -18.46 -27.65 -4.85
CA ILE B 172 -17.49 -26.97 -4.01
C ILE B 172 -17.33 -25.49 -4.42
N LEU B 173 -17.24 -25.25 -5.73
CA LEU B 173 -17.16 -23.87 -6.25
C LEU B 173 -18.41 -23.07 -5.87
N ASN B 174 -19.58 -23.70 -5.96
CA ASN B 174 -20.83 -23.02 -5.57
C ASN B 174 -20.77 -22.56 -4.11
N GLU B 175 -20.22 -23.41 -3.22
CA GLU B 175 -20.14 -23.07 -1.81
C GLU B 175 -19.21 -21.87 -1.65
N GLU B 176 -18.04 -21.92 -2.29
CA GLU B 176 -17.11 -20.82 -2.18
C GLU B 176 -17.71 -19.55 -2.79
N ALA B 177 -18.29 -19.67 -3.98
CA ALA B 177 -18.84 -18.53 -4.68
C ALA B 177 -19.96 -17.86 -3.86
N LYS B 178 -20.86 -18.66 -3.33
CA LYS B 178 -21.93 -18.08 -2.51
C LYS B 178 -21.35 -17.31 -1.33
N GLU B 179 -20.29 -17.83 -0.75
CA GLU B 179 -19.72 -17.14 0.41
C GLU B 179 -18.97 -15.89 0.00
N LEU B 180 -18.37 -15.90 -1.18
CA LEU B 180 -17.75 -14.68 -1.69
C LEU B 180 -18.82 -13.61 -1.94
N GLU B 181 -19.98 -14.03 -2.42
CA GLU B 181 -21.09 -13.11 -2.58
C GLU B 181 -21.50 -12.52 -1.23
N ALA B 182 -21.59 -13.36 -0.21
CA ALA B 182 -21.86 -12.95 1.17
C ALA B 182 -20.83 -11.92 1.65
N ALA B 183 -19.61 -12.08 1.21
CA ALA B 183 -18.52 -11.16 1.55
C ALA B 183 -18.56 -9.84 0.79
N GLY B 184 -19.42 -9.73 -0.20
CA GLY B 184 -19.60 -8.45 -0.91
C GLY B 184 -19.05 -8.41 -2.31
N VAL B 185 -18.60 -9.55 -2.86
CA VAL B 185 -18.09 -9.58 -4.23
C VAL B 185 -19.28 -9.33 -5.20
N ASP B 186 -19.04 -8.48 -6.20
CA ASP B 186 -20.07 -8.05 -7.15
C ASP B 186 -20.13 -8.91 -8.41
N ILE B 187 -18.99 -9.45 -8.83
CA ILE B 187 -18.94 -10.31 -10.01
C ILE B 187 -18.06 -11.49 -9.63
N ILE B 188 -18.58 -12.69 -9.80
CA ILE B 188 -17.78 -13.90 -9.60
C ILE B 188 -17.46 -14.46 -10.96
N GLN B 189 -16.17 -14.56 -11.26
CA GLN B 189 -15.71 -15.04 -12.56
C GLN B 189 -15.21 -16.44 -12.40
N PHE B 190 -15.53 -17.31 -13.36
CA PHE B 190 -15.01 -18.65 -13.41
C PHE B 190 -14.07 -18.76 -14.59
N ASP B 191 -12.84 -19.15 -14.29
CA ASP B 191 -11.79 -19.22 -15.31
C ASP B 191 -11.85 -20.60 -15.99
N GLU B 192 -12.21 -20.61 -17.26
CA GLU B 192 -12.31 -21.84 -18.02
C GLU B 192 -11.49 -21.81 -19.32
N PRO B 193 -10.20 -21.59 -19.21
CA PRO B 193 -9.39 -21.74 -20.44
C PRO B 193 -9.50 -23.13 -21.07
N ALA B 194 -9.76 -24.16 -20.28
CA ALA B 194 -10.03 -25.51 -20.81
C ALA B 194 -11.20 -25.61 -21.77
N PHE B 195 -12.13 -24.64 -21.73
CA PHE B 195 -13.24 -24.61 -22.71
C PHE B 195 -12.75 -24.33 -24.12
N ASN B 196 -11.54 -23.85 -24.30
CA ASN B 196 -11.01 -23.66 -25.64
C ASN B 196 -10.35 -24.93 -26.19
N VAL B 197 -10.52 -26.06 -25.52
CA VAL B 197 -9.97 -27.29 -26.05
C VAL B 197 -10.92 -28.48 -25.96
N PHE B 198 -11.51 -28.70 -24.79
CA PHE B 198 -12.29 -29.95 -24.60
C PHE B 198 -13.76 -29.81 -25.01
N PHE B 199 -13.98 -29.57 -26.29
CA PHE B 199 -15.29 -29.08 -26.76
C PHE B 199 -16.43 -30.04 -26.52
N ASP B 200 -16.20 -31.31 -26.82
CA ASP B 200 -17.28 -32.29 -26.65
C ASP B 200 -17.69 -32.38 -25.17
N GLU B 201 -16.71 -32.44 -24.28
CA GLU B 201 -17.02 -32.47 -22.84
C GLU B 201 -17.68 -31.19 -22.36
N VAL B 202 -17.25 -30.03 -22.90
CA VAL B 202 -17.93 -28.78 -22.54
C VAL B 202 -19.42 -28.86 -22.85
N ASN B 203 -19.75 -29.35 -24.04
CA ASN B 203 -21.15 -29.37 -24.44
C ASN B 203 -21.93 -30.46 -23.70
N ASP B 204 -21.29 -31.59 -23.46
CA ASP B 204 -21.97 -32.72 -22.80
C ASP B 204 -22.21 -32.47 -21.31
N TRP B 205 -21.23 -31.91 -20.61
CA TRP B 205 -21.40 -31.69 -19.17
C TRP B 205 -20.65 -30.53 -18.55
N GLY B 206 -19.71 -29.94 -19.27
CA GLY B 206 -18.97 -28.81 -18.74
C GLY B 206 -19.83 -27.59 -18.45
N ILE B 207 -20.70 -27.24 -19.38
CA ILE B 207 -21.62 -26.13 -19.15
C ILE B 207 -22.57 -26.47 -18.00
N ALA B 208 -23.05 -27.72 -17.94
CA ALA B 208 -23.89 -28.12 -16.85
C ALA B 208 -23.21 -27.97 -15.48
N CYS B 209 -21.90 -28.30 -15.45
CA CYS B 209 -21.12 -28.14 -14.22
C CYS B 209 -20.98 -26.66 -13.87
N LEU B 210 -20.77 -25.82 -14.88
CA LEU B 210 -20.73 -24.38 -14.65
C LEU B 210 -22.09 -23.90 -14.10
N GLU B 211 -23.21 -24.39 -14.63
CA GLU B 211 -24.51 -24.04 -14.07
C GLU B 211 -24.64 -24.42 -12.60
N ARG B 212 -24.11 -25.58 -12.23
CA ARG B 212 -24.16 -25.98 -10.85
C ARG B 212 -23.28 -25.07 -9.98
N ALA B 213 -22.13 -24.66 -10.50
CA ALA B 213 -21.22 -23.74 -9.79
C ALA B 213 -21.87 -22.37 -9.52
N ILE B 214 -22.76 -21.92 -10.41
CA ILE B 214 -23.39 -20.58 -10.26
C ILE B 214 -24.81 -20.64 -9.67
N GLU B 215 -25.31 -21.83 -9.37
CA GLU B 215 -26.68 -22.00 -8.88
C GLU B 215 -26.94 -21.11 -7.69
N GLY B 216 -28.03 -20.35 -7.73
CA GLY B 216 -28.45 -19.57 -6.58
C GLY B 216 -27.76 -18.23 -6.37
N LEU B 217 -26.74 -17.93 -7.16
CA LEU B 217 -26.06 -16.63 -7.03
C LEU B 217 -26.96 -15.49 -7.48
N LYS B 218 -26.93 -14.38 -6.77
CA LYS B 218 -27.71 -13.20 -7.13
C LYS B 218 -26.82 -12.13 -7.74
N CYS B 219 -25.52 -12.22 -7.49
CA CYS B 219 -24.57 -11.30 -8.09
C CYS B 219 -24.34 -11.71 -9.52
N GLU B 220 -23.62 -10.89 -10.28
CA GLU B 220 -23.29 -11.25 -11.65
C GLU B 220 -22.22 -12.33 -11.71
N THR B 221 -22.32 -13.17 -12.74
CA THR B 221 -21.34 -14.22 -12.98
C THR B 221 -20.71 -14.04 -14.34
N ALA B 222 -19.44 -14.43 -14.44
CA ALA B 222 -18.67 -14.39 -15.66
C ALA B 222 -17.95 -15.71 -15.88
N VAL B 223 -17.69 -16.00 -17.14
CA VAL B 223 -16.80 -17.12 -17.50
C VAL B 223 -15.71 -16.52 -18.38
N HIS B 224 -14.45 -16.84 -18.07
CA HIS B 224 -13.30 -16.37 -18.85
C HIS B 224 -12.73 -17.50 -19.67
N ILE B 225 -12.60 -17.29 -20.98
CA ILE B 225 -12.09 -18.30 -21.93
C ILE B 225 -11.15 -17.58 -22.86
N CYS B 226 -9.91 -18.03 -22.91
CA CYS B 226 -8.85 -17.27 -23.55
C CYS B 226 -7.88 -18.21 -24.24
N TYR B 227 -6.77 -17.63 -24.71
CA TYR B 227 -5.66 -18.37 -25.32
C TYR B 227 -4.40 -18.31 -24.47
N GLY B 228 -4.55 -18.01 -23.18
CA GLY B 228 -3.51 -18.30 -22.18
C GLY B 228 -2.63 -17.15 -21.75
N TYR B 229 -1.83 -17.42 -20.72
CA TYR B 229 -0.84 -16.47 -20.29
C TYR B 229 0.20 -16.20 -21.35
N GLY B 230 0.89 -15.08 -21.16
CA GLY B 230 2.06 -14.70 -21.93
C GLY B 230 3.28 -15.52 -21.56
N ILE B 231 3.30 -16.77 -22.03
CA ILE B 231 4.43 -17.68 -21.88
C ILE B 231 4.76 -18.28 -23.24
N LYS B 232 6.00 -18.71 -23.41
CA LYS B 232 6.45 -19.24 -24.69
C LYS B 232 5.59 -20.39 -25.25
N ALA B 233 5.12 -21.30 -24.39
CA ALA B 233 4.30 -22.41 -24.86
C ALA B 233 3.04 -21.95 -25.60
N ASN B 234 2.48 -20.84 -25.12
CA ASN B 234 1.26 -20.31 -25.69
C ASN B 234 1.53 -19.49 -26.94
N THR B 235 2.59 -18.70 -26.93
CA THR B 235 2.95 -17.94 -28.13
C THR B 235 3.36 -18.87 -29.28
N ASP B 236 4.04 -19.98 -28.96
CA ASP B 236 4.34 -21.00 -30.00
C ASP B 236 3.07 -21.63 -30.54
N TRP B 237 2.14 -21.93 -29.65
CA TRP B 237 0.88 -22.53 -30.03
C TRP B 237 0.08 -21.61 -30.94
N LYS B 238 0.07 -20.32 -30.63
CA LYS B 238 -0.69 -19.39 -31.42
C LYS B 238 -0.22 -19.35 -32.87
N LYS B 239 1.09 -19.55 -33.08
CA LYS B 239 1.67 -19.60 -34.41
C LYS B 239 1.14 -20.76 -35.27
N THR B 240 0.46 -21.73 -34.64
CA THR B 240 -0.13 -22.86 -35.37
C THR B 240 -1.63 -22.80 -35.63
N LEU B 241 -2.28 -21.77 -35.11
CA LEU B 241 -3.75 -21.71 -35.09
C LEU B 241 -4.39 -21.15 -36.36
N GLY B 242 -3.57 -20.68 -37.31
CA GLY B 242 -4.08 -20.30 -38.63
C GLY B 242 -4.77 -18.95 -38.69
N SER B 243 -5.45 -18.69 -39.80
CA SER B 243 -6.03 -17.40 -40.11
C SER B 243 -7.22 -17.01 -39.29
N GLU B 244 -7.94 -18.01 -38.79
CA GLU B 244 -9.13 -17.77 -37.97
C GLU B 244 -9.11 -18.71 -36.78
N TRP B 245 -9.21 -18.15 -35.59
CA TRP B 245 -9.24 -18.94 -34.37
C TRP B 245 -10.72 -19.06 -34.01
N ARG B 246 -11.33 -20.19 -34.34
CA ARG B 246 -12.76 -20.34 -34.25
C ARG B 246 -13.18 -21.21 -33.06
N GLN B 247 -12.29 -21.46 -32.12
CA GLN B 247 -12.58 -22.31 -30.97
C GLN B 247 -13.89 -21.88 -30.24
N TYR B 248 -14.12 -20.59 -30.12
CA TYR B 248 -15.31 -20.08 -29.42
C TYR B 248 -16.59 -20.56 -30.08
N GLU B 249 -16.60 -20.79 -31.38
CA GLU B 249 -17.84 -21.20 -32.02
C GLU B 249 -18.28 -22.59 -31.55
N GLU B 250 -17.34 -23.37 -31.00
CA GLU B 250 -17.67 -24.70 -30.50
C GLU B 250 -18.44 -24.69 -29.19
N VAL B 251 -18.40 -23.58 -28.45
CA VAL B 251 -18.99 -23.51 -27.11
C VAL B 251 -19.94 -22.31 -26.90
N PHE B 252 -19.81 -21.25 -27.70
CA PHE B 252 -20.68 -20.10 -27.56
C PHE B 252 -22.17 -20.38 -27.66
N PRO B 253 -22.60 -21.25 -28.57
CA PRO B 253 -24.06 -21.46 -28.66
C PRO B 253 -24.66 -21.97 -27.35
N LYS B 254 -23.99 -22.88 -26.70
CA LYS B 254 -24.49 -23.37 -25.43
C LYS B 254 -24.30 -22.35 -24.32
N LEU B 255 -23.20 -21.58 -24.32
CA LEU B 255 -23.03 -20.54 -23.33
C LEU B 255 -24.12 -19.48 -23.45
N GLN B 256 -24.51 -19.14 -24.66
CA GLN B 256 -25.58 -18.18 -24.87
C GLN B 256 -26.87 -18.58 -24.16
N LYS B 257 -27.15 -19.88 -24.17
CA LYS B 257 -28.35 -20.44 -23.55
C LYS B 257 -28.23 -20.60 -22.01
N SER B 258 -27.01 -20.48 -21.50
CA SER B 258 -26.74 -20.62 -20.08
C SER B 258 -27.13 -19.37 -19.29
N ASN B 259 -27.04 -19.49 -17.97
CA ASN B 259 -27.33 -18.42 -17.06
C ASN B 259 -26.15 -17.55 -16.70
N ILE B 260 -25.00 -17.75 -17.36
CA ILE B 260 -23.84 -16.90 -17.14
C ILE B 260 -24.14 -15.49 -17.63
N ASP B 261 -23.79 -14.47 -16.87
CA ASP B 261 -24.10 -13.08 -17.25
C ASP B 261 -23.11 -12.43 -18.20
N ILE B 262 -21.82 -12.72 -18.00
CA ILE B 262 -20.74 -12.04 -18.72
C ILE B 262 -19.80 -13.08 -19.30
N ILE B 263 -19.36 -12.90 -20.54
CA ILE B 263 -18.34 -13.75 -21.12
C ILE B 263 -17.10 -12.92 -21.33
N SER B 264 -15.99 -13.35 -20.75
CA SER B 264 -14.69 -12.69 -20.87
C SER B 264 -13.86 -13.46 -21.90
N LEU B 265 -13.41 -12.75 -22.92
CA LEU B 265 -12.77 -13.32 -24.11
CA LEU B 265 -12.73 -13.38 -24.03
C LEU B 265 -11.48 -12.62 -24.46
N GLU B 266 -10.68 -13.30 -25.24
CA GLU B 266 -9.45 -12.77 -25.83
C GLU B 266 -9.82 -12.25 -27.20
N CYS B 267 -9.36 -11.04 -27.50
N CYS B 267 -9.39 -11.02 -27.49
CA CYS B 267 -9.57 -10.43 -28.82
CA CYS B 267 -9.61 -10.39 -28.79
C CYS B 267 -8.36 -9.71 -29.36
C CYS B 267 -8.37 -9.72 -29.34
N HIS B 268 -7.75 -8.84 -28.56
CA HIS B 268 -6.67 -8.02 -29.06
C HIS B 268 -5.53 -8.84 -29.63
N ASN B 269 -5.11 -8.50 -30.87
CA ASN B 269 -4.05 -9.17 -31.61
C ASN B 269 -4.35 -10.62 -31.97
N SER B 270 -5.56 -11.08 -31.67
CA SER B 270 -5.94 -12.43 -31.98
C SER B 270 -6.41 -12.54 -33.42
N HIS B 271 -6.66 -13.78 -33.82
CA HIS B 271 -7.35 -14.02 -35.10
C HIS B 271 -8.76 -14.57 -34.85
N VAL B 272 -9.35 -14.23 -33.70
CA VAL B 272 -10.75 -14.60 -33.45
C VAL B 272 -11.65 -13.72 -34.35
N PRO B 273 -12.49 -14.33 -35.19
CA PRO B 273 -13.42 -13.49 -35.96
C PRO B 273 -14.39 -12.78 -35.04
N GLU B 275 -17.20 -11.58 -35.62
CA GLU B 275 -18.58 -12.00 -35.83
C GLU B 275 -18.98 -13.15 -34.88
N LEU B 276 -18.03 -13.88 -34.31
CA LEU B 276 -18.39 -14.91 -33.33
C LEU B 276 -19.14 -14.31 -32.13
N LEU B 277 -18.93 -13.02 -31.88
CA LEU B 277 -19.65 -12.33 -30.78
C LEU B 277 -21.15 -12.33 -30.99
N GLU B 278 -21.59 -12.48 -32.24
CA GLU B 278 -23.01 -12.55 -32.53
C GLU B 278 -23.65 -13.79 -31.91
N LEU B 279 -22.84 -14.83 -31.71
CA LEU B 279 -23.34 -16.07 -31.13
C LEU B 279 -23.71 -15.91 -29.64
N ILE B 280 -23.21 -14.87 -28.97
CA ILE B 280 -23.55 -14.57 -27.57
C ILE B 280 -24.27 -13.24 -27.44
N ARG B 281 -24.91 -12.82 -28.53
CA ARG B 281 -25.68 -11.59 -28.57
C ARG B 281 -26.69 -11.54 -27.41
N GLY B 282 -26.57 -10.51 -26.60
CA GLY B 282 -27.40 -10.32 -25.43
C GLY B 282 -26.64 -10.48 -24.11
N LYS B 283 -25.52 -11.20 -24.13
CA LYS B 283 -24.66 -11.30 -22.93
C LYS B 283 -23.85 -10.04 -22.79
N LYS B 284 -23.41 -9.75 -21.58
CA LYS B 284 -22.32 -8.81 -21.41
C LYS B 284 -21.03 -9.49 -21.87
N VAL B 285 -20.17 -8.69 -22.48
CA VAL B 285 -18.94 -9.19 -23.02
C VAL B 285 -17.76 -8.40 -22.52
N VAL B 287 -14.35 -7.76 -23.28
CA VAL B 287 -13.57 -7.88 -24.51
C VAL B 287 -12.13 -7.57 -24.21
N GLY B 288 -11.25 -8.54 -24.39
CA GLY B 288 -9.84 -8.29 -24.19
C GLY B 288 -9.29 -7.31 -25.19
N ALA B 289 -8.82 -6.16 -24.69
CA ALA B 289 -8.30 -5.10 -25.51
C ALA B 289 -6.83 -4.84 -25.22
N ILE B 290 -6.21 -5.75 -24.45
CA ILE B 290 -4.80 -5.75 -24.12
C ILE B 290 -4.25 -7.16 -24.34
N ASP B 291 -3.17 -7.25 -25.09
CA ASP B 291 -2.47 -8.50 -25.35
C ASP B 291 -1.44 -8.69 -24.24
N VAL B 292 -1.66 -9.69 -23.39
CA VAL B 292 -0.76 -9.94 -22.28
C VAL B 292 0.38 -10.89 -22.66
N ALA B 293 0.54 -11.20 -23.96
CA ALA B 293 1.59 -12.11 -24.45
C ALA B 293 2.70 -11.35 -25.18
N THR B 294 2.68 -10.03 -25.05
CA THR B 294 3.78 -9.19 -25.52
C THR B 294 4.05 -8.09 -24.50
N ASP B 295 5.30 -7.70 -24.34
CA ASP B 295 5.65 -6.57 -23.49
C ASP B 295 5.43 -5.22 -24.17
N THR B 296 5.21 -5.24 -25.48
CA THR B 296 4.86 -4.02 -26.21
C THR B 296 3.59 -3.38 -25.62
N ILE B 297 3.66 -2.11 -25.33
CA ILE B 297 2.55 -1.41 -24.67
C ILE B 297 1.61 -0.90 -25.72
N GLU B 298 0.34 -1.30 -25.62
CA GLU B 298 -0.71 -0.81 -26.50
C GLU B 298 -0.83 0.71 -26.43
N THR B 299 -1.13 1.35 -27.55
CA THR B 299 -1.58 2.76 -27.52
C THR B 299 -3.07 2.83 -27.20
N ALA B 300 -3.51 3.97 -26.71
CA ALA B 300 -4.93 4.19 -26.46
C ALA B 300 -5.76 4.00 -27.73
N GLU B 301 -5.19 4.42 -28.85
CA GLU B 301 -5.86 4.30 -30.15
C GLU B 301 -6.04 2.86 -30.57
N GLU B 302 -5.04 2.02 -30.31
CA GLU B 302 -5.14 0.59 -30.60
C GLU B 302 -6.19 -0.11 -29.73
N VAL B 303 -6.22 0.22 -28.44
CA VAL B 303 -7.25 -0.31 -27.55
C VAL B 303 -8.61 0.13 -28.08
N ALA B 304 -8.74 1.39 -28.44
CA ALA B 304 -10.03 1.91 -28.90
C ALA B 304 -10.49 1.18 -30.17
N ASP B 305 -9.55 0.89 -31.06
CA ASP B 305 -9.86 0.20 -32.31
C ASP B 305 -10.51 -1.15 -32.02
N THR B 306 -9.92 -1.91 -31.11
CA THR B 306 -10.51 -3.22 -30.73
C THR B 306 -11.89 -3.05 -30.13
N LEU B 307 -12.06 -2.03 -29.30
CA LEU B 307 -13.38 -1.79 -28.68
C LEU B 307 -14.42 -1.39 -29.72
N ARG B 308 -14.02 -0.57 -30.68
CA ARG B 308 -14.94 -0.19 -31.77
C ARG B 308 -15.32 -1.37 -32.61
N LYS B 309 -14.36 -2.23 -32.89
CA LYS B 309 -14.69 -3.42 -33.65
C LYS B 309 -15.70 -4.28 -32.90
N ALA B 310 -15.52 -4.42 -31.59
CA ALA B 310 -16.47 -5.17 -30.79
C ALA B 310 -17.86 -4.54 -30.75
N LEU B 311 -17.94 -3.22 -30.78
CA LEU B 311 -19.23 -2.52 -30.74
C LEU B 311 -20.10 -2.83 -31.97
N LYS B 312 -19.50 -3.30 -33.06
CA LYS B 312 -20.32 -3.79 -34.16
C LYS B 312 -21.25 -4.92 -33.70
N PHE B 313 -20.81 -5.75 -32.76
CA PHE B 313 -21.54 -6.94 -32.32
C PHE B 313 -22.01 -6.91 -30.87
N VAL B 314 -21.57 -5.94 -30.09
CA VAL B 314 -21.93 -5.85 -28.68
C VAL B 314 -22.52 -4.47 -28.44
N ASP B 315 -23.71 -4.42 -27.85
CA ASP B 315 -24.33 -3.14 -27.51
C ASP B 315 -23.43 -2.39 -26.54
N ALA B 316 -23.50 -1.07 -26.64
CA ALA B 316 -22.68 -0.22 -25.79
C ALA B 316 -22.86 -0.54 -24.31
N ASP B 317 -24.09 -0.81 -23.87
CA ASP B 317 -24.34 -1.08 -22.46
C ASP B 317 -23.95 -2.50 -22.03
N LYS B 318 -23.46 -3.31 -22.97
CA LYS B 318 -23.01 -4.68 -22.69
C LYS B 318 -21.52 -4.84 -22.90
N LEU B 319 -20.80 -3.79 -23.27
CA LEU B 319 -19.37 -3.86 -23.59
C LEU B 319 -18.53 -3.51 -22.37
N TYR B 320 -17.68 -4.44 -21.95
CA TYR B 320 -16.84 -4.29 -20.77
C TYR B 320 -15.37 -4.39 -21.20
N PRO B 321 -14.69 -3.26 -21.41
CA PRO B 321 -13.28 -3.38 -21.82
C PRO B 321 -12.41 -4.14 -20.79
N CYS B 322 -11.58 -5.06 -21.24
CA CYS B 322 -10.89 -6.00 -20.36
C CYS B 322 -9.53 -6.31 -20.95
N THR B 323 -8.81 -7.25 -20.33
CA THR B 323 -7.53 -7.75 -20.86
C THR B 323 -7.74 -9.17 -21.39
N ASN B 324 -6.89 -9.63 -22.31
CA ASN B 324 -7.09 -10.96 -22.88
C ASN B 324 -6.93 -12.06 -21.86
N CYS B 325 -6.03 -11.84 -20.91
CA CYS B 325 -5.75 -12.80 -19.85
C CYS B 325 -5.09 -12.04 -18.68
N GLY B 326 -4.65 -12.77 -17.66
CA GLY B 326 -4.02 -12.17 -16.51
C GLY B 326 -2.61 -11.71 -16.77
N THR B 328 -0.04 -11.56 -14.07
CA THR B 328 0.95 -11.93 -13.08
C THR B 328 2.35 -12.26 -13.68
N PRO B 329 2.46 -12.75 -14.95
CA PRO B 329 3.78 -12.96 -15.58
C PRO B 329 4.51 -11.70 -16.02
N LEU B 330 3.80 -10.57 -16.10
CA LEU B 330 4.40 -9.31 -16.56
C LEU B 330 5.05 -8.52 -15.43
N SER B 331 5.88 -7.56 -15.81
CA SER B 331 6.43 -6.63 -14.85
C SER B 331 5.42 -5.58 -14.41
N HIS B 332 5.69 -4.96 -13.27
CA HIS B 332 4.86 -3.86 -12.79
C HIS B 332 4.80 -2.74 -13.83
N GLN B 333 5.95 -2.46 -14.44
CA GLN B 333 6.02 -1.34 -15.37
C GLN B 333 5.24 -1.61 -16.65
N VAL B 334 5.35 -2.82 -17.21
CA VAL B 334 4.56 -3.19 -18.38
C VAL B 334 3.06 -3.20 -18.03
N THR B 335 2.73 -3.71 -16.86
CA THR B 335 1.36 -3.77 -16.43
C THR B 335 0.76 -2.39 -16.31
N ARG B 336 1.51 -1.45 -15.69
CA ARG B 336 1.05 -0.08 -15.56
C ARG B 336 0.80 0.56 -16.93
N GLY B 337 1.75 0.42 -17.87
CA GLY B 337 1.58 0.96 -19.23
C GLY B 337 0.32 0.42 -19.90
N LYS B 338 0.13 -0.89 -19.80
CA LYS B 338 -1.02 -1.53 -20.42
C LYS B 338 -2.35 -1.12 -19.81
N LEU B 339 -2.43 -1.10 -18.48
CA LEU B 339 -3.67 -0.68 -17.84
C LEU B 339 -4.01 0.78 -18.10
N ASN B 340 -3.00 1.64 -18.18
CA ASN B 340 -3.29 3.01 -18.55
C ASN B 340 -3.80 3.13 -19.99
N ALA B 341 -3.24 2.33 -20.90
CA ALA B 341 -3.75 2.29 -22.29
C ALA B 341 -5.20 1.79 -22.33
N LEU B 342 -5.50 0.78 -21.54
CA LEU B 342 -6.86 0.25 -21.45
C LEU B 342 -7.85 1.34 -21.06
N SER B 343 -7.55 2.05 -19.99
N SER B 343 -7.57 2.05 -19.97
CA SER B 343 -8.46 3.10 -19.54
CA SER B 343 -8.54 3.07 -19.56
C SER B 343 -8.57 4.24 -20.55
C SER B 343 -8.58 4.25 -20.54
N ALA B 344 -7.44 4.63 -21.13
CA ALA B 344 -7.41 5.73 -22.07
C ALA B 344 -8.17 5.40 -23.36
N GLY B 345 -8.03 4.15 -23.81
CA GLY B 345 -8.76 3.70 -24.99
C GLY B 345 -10.26 3.59 -24.75
N ALA B 346 -10.63 3.10 -23.59
CA ALA B 346 -12.02 3.03 -23.22
C ALA B 346 -12.63 4.44 -23.21
N GLU B 347 -11.87 5.41 -22.70
CA GLU B 347 -12.35 6.79 -22.62
C GLU B 347 -12.57 7.39 -24.02
N ILE B 348 -11.69 7.09 -24.98
CA ILE B 348 -11.88 7.56 -26.36
C ILE B 348 -13.23 7.09 -26.89
N VAL B 349 -13.54 5.83 -26.69
CA VAL B 349 -14.78 5.28 -27.25
C VAL B 349 -15.99 5.76 -26.45
N ARG B 350 -15.82 5.87 -25.14
CA ARG B 350 -16.89 6.38 -24.29
C ARG B 350 -17.30 7.79 -24.75
N LYS B 351 -16.32 8.64 -25.03
CA LYS B 351 -16.64 10.00 -25.50
C LYS B 351 -17.39 9.95 -26.84
N GLU B 352 -16.98 9.07 -27.75
CA GLU B 352 -17.67 8.94 -29.05
C GLU B 352 -19.12 8.55 -28.83
N LEU B 353 -19.36 7.60 -27.94
CA LEU B 353 -20.72 7.14 -27.64
C LEU B 353 -21.59 8.24 -27.03
N LEU B 354 -21.03 9.00 -26.09
CA LEU B 354 -21.79 10.09 -25.44
C LEU B 354 -22.06 11.26 -26.39
N ALA B 355 -21.25 11.39 -27.44
CA ALA B 355 -21.43 12.44 -28.45
C ALA B 355 -22.51 12.09 -29.48
N LEU B 356 -23.03 10.87 -29.43
CA LEU B 356 -24.18 10.49 -30.26
C LEU B 356 -25.46 11.10 -29.71
#